data_3WYC
#
_entry.id   3WYC
#
_cell.length_a   123.021
_cell.length_b   123.021
_cell.length_c   193.302
_cell.angle_alpha   90.000
_cell.angle_beta   90.000
_cell.angle_gamma   120.000
#
_symmetry.space_group_name_H-M   'H 3'
#
loop_
_entity.id
_entity.type
_entity.pdbx_description
1 polymer 'Meso-diaminopimelate D-dehydrogenase'
2 non-polymer 'NADP NICOTINAMIDE-ADENINE-DINUCLEOTIDE PHOSPHATE'
3 non-polymer '2-(2-HYDROXY-1,1-DIHYDROXYMETHYL-ETHYLAMINO)-ETHANESULFONIC ACID'
4 water water
#
_entity_poly.entity_id   1
_entity_poly.type   'polypeptide(L)'
_entity_poly.pdbx_seq_one_letter_code
;MSKIRIGIVGYGNLGRGVEAAIQQNPDMELVAVFTRRDPKTVAVKSNVKVLHVDDAQSYKDEIDVMILCGGSATDLPEQG
PYFAQYFNTIDSFDTHARIPDYFDAVNAAAEQSGKVAIISVGWDPGLFSLNRLLGEVVLPVGNTYTFWGKGVSQGHSDAI
RRIQGVKNAVQYTIPIDEAVNRVRSGENPELSTREKHARECFVVLEEGADPAKVEHEIKTMPNYFDEYDTTVHFISEEEL
KQNHSGMPHGGFVIRSGKSDEGHKQIIEFSLNLESNPMFTSSALVAYARAAYRLSQNGDKGAKTVFDIPFGLLSPKSPED
LRKELLTRHHHHHH
;
_entity_poly.pdbx_strand_id   A,B
#
# COMPACT_ATOMS: atom_id res chain seq x y z
N SER A 2 28.29 -5.01 -6.00
CA SER A 2 28.84 -5.35 -4.66
C SER A 2 27.91 -4.79 -3.58
N LYS A 3 28.12 -5.22 -2.35
CA LYS A 3 27.08 -5.14 -1.31
C LYS A 3 26.93 -3.77 -0.77
N ILE A 4 25.68 -3.40 -0.41
CA ILE A 4 25.39 -2.11 0.23
C ILE A 4 25.83 -2.31 1.72
N ARG A 5 26.60 -1.36 2.22
CA ARG A 5 27.28 -1.50 3.53
C ARG A 5 26.41 -0.80 4.57
N ILE A 6 25.88 -1.62 5.46
CA ILE A 6 24.99 -1.09 6.50
C ILE A 6 25.72 -1.03 7.88
N GLY A 7 25.51 0.07 8.59
CA GLY A 7 25.76 0.14 10.02
C GLY A 7 24.49 0.34 10.82
N ILE A 8 24.49 -0.26 11.99
CA ILE A 8 23.43 -0.08 12.98
C ILE A 8 23.86 0.86 14.03
N VAL A 9 23.06 1.89 14.26
CA VAL A 9 23.23 2.74 15.41
C VAL A 9 22.18 2.38 16.44
N GLY A 10 22.59 1.73 17.51
CA GLY A 10 21.77 1.42 18.67
C GLY A 10 21.31 0.00 18.73
N TYR A 11 21.51 -0.66 19.86
CA TYR A 11 21.29 -2.09 19.91
C TYR A 11 20.25 -2.49 20.94
N GLY A 12 19.04 -2.06 20.68
CA GLY A 12 17.84 -2.57 21.27
C GLY A 12 17.04 -3.52 20.37
N ASN A 13 15.73 -3.52 20.50
CA ASN A 13 14.84 -4.38 19.73
C ASN A 13 14.97 -4.16 18.20
N LEU A 14 14.92 -2.91 17.78
CA LEU A 14 15.10 -2.58 16.38
C LEU A 14 16.51 -2.93 15.92
N GLY A 15 17.51 -2.66 16.74
CA GLY A 15 18.89 -3.09 16.36
C GLY A 15 19.03 -4.55 16.06
N ARG A 16 18.44 -5.39 16.93
CA ARG A 16 18.47 -6.82 16.75
C ARG A 16 17.63 -7.21 15.51
N GLY A 17 16.56 -6.48 15.28
CA GLY A 17 15.70 -6.67 14.14
C GLY A 17 16.45 -6.42 12.84
N VAL A 18 17.27 -5.39 12.79
CA VAL A 18 18.00 -5.01 11.55
C VAL A 18 19.05 -6.03 11.21
N GLU A 19 19.69 -6.49 12.26
CA GLU A 19 20.66 -7.54 12.18
C GLU A 19 20.06 -8.83 11.62
N ALA A 20 18.89 -9.20 12.09
CA ALA A 20 18.19 -10.32 11.53
C ALA A 20 17.75 -10.07 10.05
N ALA A 21 17.20 -8.88 9.79
CA ALA A 21 16.72 -8.53 8.45
C ALA A 21 17.88 -8.54 7.43
N ILE A 22 19.05 -8.07 7.83
CA ILE A 22 20.24 -8.23 7.01
C ILE A 22 20.48 -9.65 6.51
N GLN A 23 20.20 -10.65 7.31
CA GLN A 23 20.34 -12.00 6.85
C GLN A 23 19.35 -12.40 5.74
N GLN A 24 18.34 -11.60 5.48
CA GLN A 24 17.35 -11.96 4.46
C GLN A 24 17.51 -11.06 3.26
N ASN A 25 18.57 -10.25 3.25
CA ASN A 25 18.87 -9.27 2.22
C ASN A 25 20.31 -9.43 1.69
N PRO A 26 20.52 -10.40 0.81
CA PRO A 26 21.90 -10.74 0.43
C PRO A 26 22.67 -9.69 -0.32
N ASP A 27 22.04 -8.63 -0.76
CA ASP A 27 22.75 -7.53 -1.34
C ASP A 27 23.25 -6.53 -0.32
N MET A 28 23.11 -6.85 0.94
CA MET A 28 23.63 -5.96 1.97
C MET A 28 24.53 -6.66 2.93
N GLU A 29 25.40 -5.91 3.55
CA GLU A 29 26.17 -6.43 4.65
C GLU A 29 26.32 -5.47 5.81
N LEU A 30 26.26 -6.06 6.98
CA LEU A 30 26.41 -5.34 8.23
C LEU A 30 27.92 -5.18 8.52
N VAL A 31 28.35 -3.96 8.54
CA VAL A 31 29.71 -3.60 8.80
C VAL A 31 30.02 -3.50 10.33
N ALA A 32 29.13 -2.85 11.08
CA ALA A 32 29.38 -2.57 12.51
C ALA A 32 28.07 -2.21 13.23
N VAL A 33 27.99 -2.54 14.51
CA VAL A 33 26.97 -1.97 15.41
C VAL A 33 27.63 -0.88 16.25
N PHE A 34 26.98 0.26 16.36
CA PHE A 34 27.45 1.42 17.12
C PHE A 34 26.54 1.69 18.30
N THR A 35 27.14 1.69 19.51
CA THR A 35 26.38 1.82 20.69
C THR A 35 26.94 2.91 21.56
N ARG A 36 26.09 3.44 22.39
CA ARG A 36 26.52 4.39 23.36
C ARG A 36 27.08 3.73 24.63
N ARG A 37 26.69 2.49 24.90
CA ARG A 37 27.27 1.68 25.94
C ARG A 37 28.72 1.36 25.63
N ASP A 38 29.50 0.86 26.61
CA ASP A 38 30.82 0.38 26.26
C ASP A 38 30.55 -0.88 25.43
N PRO A 39 31.16 -0.98 24.23
CA PRO A 39 31.05 -2.10 23.28
C PRO A 39 31.37 -3.42 23.89
N LYS A 40 32.26 -3.43 24.90
CA LYS A 40 32.53 -4.70 25.62
C LYS A 40 31.34 -5.27 26.35
N THR A 41 30.35 -4.46 26.66
CA THR A 41 29.19 -4.93 27.40
C THR A 41 28.00 -5.24 26.47
N VAL A 42 28.16 -5.03 25.17
CA VAL A 42 26.98 -5.26 24.21
C VAL A 42 27.27 -6.46 23.36
N ALA A 43 26.65 -7.58 23.70
CA ALA A 43 26.80 -8.82 22.96
C ALA A 43 25.81 -8.82 21.79
N VAL A 44 26.31 -8.87 20.58
CA VAL A 44 25.45 -8.88 19.42
C VAL A 44 25.34 -10.29 18.84
N LYS A 45 24.21 -10.64 18.26
CA LYS A 45 24.02 -11.99 17.75
C LYS A 45 24.96 -12.37 16.59
N SER A 46 25.32 -11.40 15.74
CA SER A 46 26.00 -11.70 14.49
C SER A 46 27.50 -11.61 14.67
N ASN A 47 27.94 -11.23 15.84
CA ASN A 47 29.37 -11.10 16.02
C ASN A 47 30.03 -10.34 14.82
N VAL A 48 29.40 -9.25 14.37
CA VAL A 48 30.11 -8.24 13.61
C VAL A 48 30.74 -7.38 14.69
N LYS A 49 31.53 -6.39 14.30
CA LYS A 49 32.17 -5.61 15.32
C LYS A 49 31.24 -4.61 15.92
N VAL A 50 31.46 -4.40 17.21
CA VAL A 50 30.71 -3.50 18.03
C VAL A 50 31.62 -2.41 18.40
N LEU A 51 31.20 -1.20 18.16
CA LEU A 51 31.98 0.00 18.34
C LEU A 51 31.21 1.00 19.11
N HIS A 52 31.87 2.01 19.66
CA HIS A 52 31.20 3.06 20.35
C HIS A 52 30.83 4.12 19.29
N VAL A 53 29.77 4.86 19.55
CA VAL A 53 29.26 5.84 18.60
C VAL A 53 30.35 6.88 18.25
N ASP A 54 31.33 7.08 19.12
CA ASP A 54 32.40 8.07 18.79
C ASP A 54 33.35 7.57 17.74
N ASP A 55 33.41 6.28 17.48
CA ASP A 55 34.16 5.85 16.32
C ASP A 55 33.42 5.94 14.97
N ALA A 56 32.14 6.31 14.99
CA ALA A 56 31.29 6.22 13.72
C ALA A 56 31.82 7.12 12.64
N GLN A 57 32.13 8.37 13.02
CA GLN A 57 32.64 9.37 12.08
C GLN A 57 33.80 8.87 11.29
N SER A 58 34.65 8.13 11.98
CA SER A 58 35.80 7.60 11.33
C SER A 58 35.41 6.52 10.36
N TYR A 59 34.17 6.05 10.33
CA TYR A 59 33.73 5.02 9.39
C TYR A 59 32.99 5.58 8.16
N LYS A 60 33.11 6.88 7.94
CA LYS A 60 32.35 7.60 6.94
C LYS A 60 32.51 7.03 5.55
N ASP A 61 33.67 6.53 5.17
CA ASP A 61 33.85 5.88 3.89
C ASP A 61 33.67 4.36 3.91
N GLU A 62 33.36 3.77 5.06
CA GLU A 62 33.17 2.32 5.16
C GLU A 62 31.66 1.92 5.08
N ILE A 63 30.77 2.90 5.21
CA ILE A 63 29.33 2.66 5.35
C ILE A 63 28.44 3.44 4.38
N ASP A 64 27.66 2.73 3.59
CA ASP A 64 26.66 3.34 2.72
C ASP A 64 25.43 3.92 3.41
N VAL A 65 24.85 3.15 4.34
CA VAL A 65 23.69 3.59 5.10
C VAL A 65 23.75 3.19 6.56
N MET A 66 23.40 4.12 7.41
CA MET A 66 23.35 3.96 8.84
C MET A 66 21.86 3.83 9.22
N ILE A 67 21.43 2.68 9.66
CA ILE A 67 20.07 2.54 10.22
C ILE A 67 20.05 2.87 11.69
N LEU A 68 19.37 3.97 12.00
CA LEU A 68 19.23 4.50 13.34
C LEU A 68 18.09 3.89 14.11
N CYS A 69 18.45 3.03 15.06
CA CYS A 69 17.52 2.20 15.78
C CYS A 69 17.16 2.70 17.15
N GLY A 70 17.43 3.97 17.43
CA GLY A 70 17.21 4.52 18.75
C GLY A 70 15.79 4.93 18.98
N GLY A 71 15.51 5.17 20.25
CA GLY A 71 14.14 5.54 20.66
C GLY A 71 13.82 6.94 20.18
N SER A 72 12.54 7.17 19.95
CA SER A 72 12.13 8.44 19.35
C SER A 72 12.08 9.59 20.38
N ALA A 73 11.82 9.31 21.65
CA ALA A 73 11.58 10.38 22.63
C ALA A 73 12.81 11.25 22.85
N THR A 74 13.99 10.65 23.03
CA THR A 74 15.25 11.44 23.18
C THR A 74 16.44 10.96 22.40
N ASP A 75 16.48 9.70 21.96
CA ASP A 75 17.65 9.25 21.27
C ASP A 75 17.71 9.89 19.89
N LEU A 76 16.67 9.70 19.09
CA LEU A 76 16.68 10.17 17.71
C LEU A 76 16.82 11.70 17.56
N PRO A 77 16.14 12.46 18.34
CA PRO A 77 16.31 13.93 18.19
C PRO A 77 17.76 14.32 18.23
N GLU A 78 18.59 13.55 18.93
CA GLU A 78 20.02 13.80 18.92
C GLU A 78 20.70 13.08 17.80
N GLN A 79 20.38 11.79 17.65
CA GLN A 79 21.18 10.98 16.77
C GLN A 79 20.83 11.18 15.29
N GLY A 80 19.58 11.54 14.99
CA GLY A 80 19.24 11.75 13.56
C GLY A 80 20.04 12.85 12.89
N PRO A 81 19.90 14.07 13.40
CA PRO A 81 20.72 15.19 12.91
C PRO A 81 22.23 14.96 12.96
N TYR A 82 22.70 14.26 13.99
CA TYR A 82 24.11 13.99 14.08
C TYR A 82 24.56 13.06 13.00
N PHE A 83 23.92 11.89 12.87
CA PHE A 83 24.47 10.95 11.88
C PHE A 83 24.25 11.40 10.44
N ALA A 84 23.27 12.27 10.27
CA ALA A 84 22.91 12.75 8.91
C ALA A 84 23.97 13.71 8.40
N GLN A 85 24.85 14.18 9.29
CA GLN A 85 26.02 14.96 8.89
C GLN A 85 27.04 14.14 8.19
N TYR A 86 27.02 12.82 8.35
CA TYR A 86 28.08 11.97 7.83
C TYR A 86 27.69 10.77 7.01
N PHE A 87 26.40 10.39 7.11
CA PHE A 87 25.94 9.19 6.47
C PHE A 87 24.53 9.43 5.88
N ASN A 88 24.22 8.66 4.85
CA ASN A 88 22.80 8.39 4.54
C ASN A 88 22.21 7.61 5.77
N THR A 89 21.01 8.01 6.18
CA THR A 89 20.32 7.44 7.32
C THR A 89 18.85 6.97 7.07
N ILE A 90 18.44 5.97 7.86
CA ILE A 90 17.04 5.55 8.00
C ILE A 90 16.75 5.59 9.49
N ASP A 91 15.61 6.13 9.85
CA ASP A 91 15.16 5.95 11.22
C ASP A 91 13.66 5.68 11.29
N SER A 92 13.17 5.40 12.50
CA SER A 92 11.78 5.04 12.70
C SER A 92 10.99 6.04 13.52
N PHE A 93 11.48 7.26 13.55
CA PHE A 93 10.94 8.31 14.43
C PHE A 93 9.45 8.41 14.43
N ASP A 94 8.82 8.43 15.60
CA ASP A 94 7.37 8.27 15.59
C ASP A 94 6.61 9.23 16.43
N THR A 95 7.24 10.36 16.79
CA THR A 95 6.55 11.29 17.70
C THR A 95 5.72 12.34 16.92
N HIS A 96 4.39 12.20 16.95
CA HIS A 96 3.49 12.90 16.04
C HIS A 96 3.75 14.42 16.05
N ALA A 97 3.74 14.98 17.26
CA ALA A 97 3.82 16.43 17.42
C ALA A 97 5.20 16.97 17.05
N ARG A 98 6.25 16.16 17.04
CA ARG A 98 7.60 16.68 16.74
C ARG A 98 8.03 16.37 15.34
N ILE A 99 7.14 15.76 14.54
CA ILE A 99 7.60 15.35 13.22
C ILE A 99 8.09 16.49 12.33
N PRO A 100 7.38 17.63 12.30
CA PRO A 100 7.91 18.72 11.44
C PRO A 100 9.31 19.25 11.88
N ASP A 101 9.45 19.43 13.20
CA ASP A 101 10.77 19.82 13.82
C ASP A 101 11.86 18.81 13.54
N TYR A 102 11.57 17.53 13.79
CA TYR A 102 12.56 16.51 13.48
C TYR A 102 12.91 16.54 12.04
N PHE A 103 11.86 16.58 11.20
CA PHE A 103 12.11 16.61 9.72
C PHE A 103 13.06 17.81 9.39
N ASP A 104 12.71 18.96 9.93
CA ASP A 104 13.52 20.21 9.65
C ASP A 104 15.02 20.05 10.03
N ALA A 105 15.21 19.54 11.25
CA ALA A 105 16.55 19.32 11.82
C ALA A 105 17.29 18.26 11.03
N VAL A 106 16.65 17.12 10.66
CA VAL A 106 17.40 16.14 9.86
C VAL A 106 17.70 16.68 8.47
N ASN A 107 16.72 17.40 7.94
CA ASN A 107 16.86 17.88 6.54
C ASN A 107 18.02 18.92 6.41
N ALA A 108 18.03 19.87 7.33
CA ALA A 108 19.19 20.84 7.44
C ALA A 108 20.52 20.10 7.36
N ALA A 109 20.71 19.09 8.24
CA ALA A 109 21.93 18.30 8.28
C ALA A 109 22.21 17.55 6.99
N ALA A 110 21.19 16.87 6.46
CA ALA A 110 21.43 16.07 5.26
C ALA A 110 21.69 16.97 4.05
N GLU A 111 20.94 18.07 3.99
CA GLU A 111 21.07 19.03 2.82
C GLU A 111 22.53 19.48 2.78
N GLN A 112 22.98 20.04 3.90
CA GLN A 112 24.39 20.35 4.20
C GLN A 112 25.40 19.29 3.77
N SER A 113 25.26 18.02 4.16
CA SER A 113 26.28 17.02 3.84
C SER A 113 26.19 16.34 2.52
N GLY A 114 25.10 16.61 1.80
CA GLY A 114 24.78 15.82 0.61
C GLY A 114 24.37 14.38 0.85
N LYS A 115 23.69 14.11 1.95
CA LYS A 115 23.31 12.71 2.26
C LYS A 115 21.77 12.60 2.20
N VAL A 116 21.26 11.38 2.00
CA VAL A 116 19.80 11.14 2.02
C VAL A 116 19.39 10.59 3.43
N ALA A 117 18.50 11.27 4.14
CA ALA A 117 17.95 10.74 5.35
C ALA A 117 16.46 10.38 5.09
N ILE A 118 16.07 9.13 5.28
CA ILE A 118 14.61 8.81 5.32
C ILE A 118 14.19 8.66 6.75
N ILE A 119 13.34 9.54 7.21
CA ILE A 119 12.78 9.46 8.54
C ILE A 119 11.46 8.68 8.61
N SER A 120 11.12 8.19 9.81
CA SER A 120 9.79 7.77 10.15
C SER A 120 9.35 6.58 9.29
N VAL A 121 10.24 5.64 9.14
CA VAL A 121 10.01 4.41 8.44
C VAL A 121 9.65 3.30 9.45
N GLY A 122 8.78 2.38 9.04
CA GLY A 122 8.30 1.30 9.88
C GLY A 122 6.86 0.99 9.43
N TRP A 123 6.01 0.54 10.36
CA TRP A 123 4.65 0.29 10.04
C TRP A 123 3.71 1.37 10.44
N ASP A 124 3.94 2.02 11.57
CA ASP A 124 3.19 3.26 11.84
C ASP A 124 4.00 4.18 12.80
N PRO A 125 4.61 5.19 12.26
CA PRO A 125 4.56 5.67 10.90
C PRO A 125 5.28 4.73 9.90
N GLY A 126 4.95 4.88 8.64
CA GLY A 126 5.55 4.18 7.56
C GLY A 126 4.44 3.54 6.69
N LEU A 127 4.32 2.22 6.71
CA LEU A 127 3.29 1.55 5.87
C LEU A 127 1.86 2.01 6.11
N PHE A 128 1.46 2.17 7.38
CA PHE A 128 0.12 2.70 7.68
C PHE A 128 -0.07 4.12 7.15
N SER A 129 0.97 4.92 7.25
CA SER A 129 0.93 6.24 6.68
C SER A 129 0.66 6.22 5.14
N LEU A 130 1.38 5.40 4.43
CA LEU A 130 1.20 5.26 2.96
C LEU A 130 -0.25 4.92 2.63
N ASN A 131 -0.82 4.00 3.42
CA ASN A 131 -2.19 3.55 3.22
C ASN A 131 -3.26 4.55 3.63
N ARG A 132 -2.97 5.38 4.63
CA ARG A 132 -3.83 6.52 4.92
C ARG A 132 -3.88 7.49 3.72
N LEU A 133 -2.72 7.78 3.17
CA LEU A 133 -2.59 8.69 2.06
C LEU A 133 -3.30 8.08 0.80
N LEU A 134 -2.99 6.86 0.49
CA LEU A 134 -3.55 6.21 -0.72
C LEU A 134 -5.08 6.23 -0.66
N GLY A 135 -5.56 5.87 0.52
CA GLY A 135 -7.00 5.92 0.83
C GLY A 135 -7.69 7.16 0.42
N GLU A 136 -7.16 8.27 0.91
CA GLU A 136 -7.82 9.53 0.67
C GLU A 136 -7.57 10.12 -0.72
N VAL A 137 -6.52 9.77 -1.42
CA VAL A 137 -6.40 10.18 -2.81
C VAL A 137 -7.21 9.34 -3.87
N VAL A 138 -7.28 8.03 -3.68
CA VAL A 138 -8.17 7.16 -4.42
C VAL A 138 -9.64 7.34 -4.11
N LEU A 139 -9.97 7.50 -2.85
CA LEU A 139 -11.33 7.74 -2.45
C LEU A 139 -11.49 9.09 -1.69
N PRO A 140 -11.53 10.23 -2.52
CA PRO A 140 -11.59 11.50 -1.81
C PRO A 140 -12.82 11.70 -0.95
N VAL A 141 -13.89 11.02 -1.24
CA VAL A 141 -15.13 11.19 -0.50
C VAL A 141 -15.28 9.97 0.34
N GLY A 142 -14.98 10.08 1.63
CA GLY A 142 -15.10 8.94 2.53
C GLY A 142 -14.39 9.22 3.84
N ASN A 143 -14.05 8.16 4.56
CA ASN A 143 -13.48 8.23 5.95
C ASN A 143 -12.33 7.23 6.07
N THR A 144 -11.25 7.64 6.74
CA THR A 144 -10.15 6.77 7.12
C THR A 144 -10.17 6.42 8.57
N TYR A 145 -9.90 5.16 8.89
CA TYR A 145 -9.80 4.73 10.27
C TYR A 145 -8.56 3.94 10.46
N THR A 146 -7.75 4.25 11.47
CA THR A 146 -6.59 3.40 11.79
C THR A 146 -6.85 2.70 13.08
N PHE A 147 -6.68 1.37 13.11
CA PHE A 147 -6.75 0.59 14.35
C PHE A 147 -5.38 -0.05 14.60
N TRP A 148 -4.96 -0.15 15.86
CA TRP A 148 -3.72 -0.81 16.26
C TRP A 148 -3.98 -1.97 17.15
N GLY A 149 -3.23 -3.05 16.94
CA GLY A 149 -3.33 -4.24 17.76
C GLY A 149 -4.10 -5.33 17.05
N LYS A 150 -4.33 -6.42 17.73
CA LYS A 150 -3.95 -6.59 19.12
C LYS A 150 -2.46 -6.66 19.31
N GLY A 151 -1.90 -5.93 20.25
CA GLY A 151 -0.49 -6.09 20.47
C GLY A 151 0.09 -5.37 21.69
N VAL A 152 1.38 -5.60 21.95
CA VAL A 152 2.01 -4.96 23.07
C VAL A 152 2.49 -3.58 22.74
N SER A 153 2.10 -2.61 23.53
CA SER A 153 2.61 -1.28 23.42
C SER A 153 3.71 -1.04 24.44
N GLN A 154 4.94 -0.88 23.99
CA GLN A 154 6.02 -0.65 24.91
C GLN A 154 5.86 0.67 25.68
N GLY A 155 5.36 1.69 25.04
CA GLY A 155 5.08 2.95 25.66
C GLY A 155 4.09 2.88 26.81
N HIS A 156 2.98 2.18 26.61
CA HIS A 156 1.95 2.10 27.65
C HIS A 156 2.43 1.14 28.77
N SER A 157 3.19 0.10 28.40
CA SER A 157 3.77 -0.83 29.37
C SER A 157 4.75 -0.07 30.31
N ASP A 158 5.61 0.79 29.75
CA ASP A 158 6.58 1.60 30.50
C ASP A 158 5.87 2.61 31.35
N ALA A 159 4.76 3.14 30.86
CA ALA A 159 4.02 4.10 31.60
C ALA A 159 3.45 3.50 32.89
N ILE A 160 2.97 2.27 32.82
CA ILE A 160 2.54 1.53 33.98
C ILE A 160 3.67 1.19 34.95
N ARG A 161 4.79 0.77 34.38
CA ARG A 161 5.97 0.36 35.06
C ARG A 161 6.55 1.52 35.92
N ARG A 162 6.42 2.73 35.42
CA ARG A 162 6.78 3.94 36.11
C ARG A 162 6.00 4.21 37.42
N ILE A 163 4.82 3.65 37.57
CA ILE A 163 4.01 3.83 38.73
C ILE A 163 4.71 3.20 39.96
N GLN A 164 4.73 3.90 41.07
CA GLN A 164 5.29 3.35 42.29
C GLN A 164 4.34 2.30 42.80
N GLY A 165 4.90 1.18 43.13
CA GLY A 165 4.10 0.03 43.44
C GLY A 165 3.93 -0.96 42.29
N VAL A 166 4.35 -0.63 41.09
CA VAL A 166 4.42 -1.59 40.01
C VAL A 166 5.84 -2.06 39.77
N LYS A 167 6.11 -3.34 39.94
CA LYS A 167 7.40 -3.89 39.55
C LYS A 167 7.70 -4.01 38.05
N ASN A 168 6.72 -4.51 37.31
CA ASN A 168 6.79 -4.72 35.87
C ASN A 168 5.39 -4.82 35.32
N ALA A 169 5.24 -4.64 34.01
CA ALA A 169 3.94 -4.72 33.38
C ALA A 169 4.04 -4.89 31.86
N VAL A 170 3.03 -5.49 31.29
CA VAL A 170 2.81 -5.49 29.87
C VAL A 170 1.38 -5.08 29.55
N GLN A 171 1.22 -4.15 28.64
CA GLN A 171 -0.05 -3.64 28.19
C GLN A 171 -0.34 -4.01 26.74
N TYR A 172 -1.55 -4.46 26.50
CA TYR A 172 -2.05 -4.77 25.17
C TYR A 172 -3.03 -3.70 24.69
N THR A 173 -2.84 -3.21 23.48
CA THR A 173 -3.78 -2.37 22.78
C THR A 173 -4.67 -3.26 21.90
N ILE A 174 -5.99 -3.12 22.02
CA ILE A 174 -6.96 -4.07 21.49
C ILE A 174 -8.07 -3.37 20.75
N PRO A 175 -8.07 -3.49 19.43
CA PRO A 175 -9.16 -2.92 18.63
C PRO A 175 -10.47 -3.45 19.06
N ILE A 176 -11.47 -2.60 19.16
CA ILE A 176 -12.76 -3.10 19.59
C ILE A 176 -13.51 -3.67 18.32
N ASP A 177 -13.79 -4.94 18.37
CA ASP A 177 -14.36 -5.69 17.24
C ASP A 177 -15.59 -5.03 16.64
N GLU A 178 -16.52 -4.61 17.48
CA GLU A 178 -17.70 -4.00 16.96
C GLU A 178 -17.36 -2.74 16.14
N ALA A 179 -16.39 -1.95 16.59
CA ALA A 179 -16.08 -0.73 15.90
C ALA A 179 -15.47 -1.08 14.56
N VAL A 180 -14.60 -2.09 14.58
CA VAL A 180 -13.95 -2.48 13.33
C VAL A 180 -15.03 -3.00 12.32
N ASN A 181 -15.99 -3.77 12.79
CA ASN A 181 -17.07 -4.38 11.96
C ASN A 181 -17.95 -3.33 11.34
N ARG A 182 -18.19 -2.27 12.09
CA ARG A 182 -18.93 -1.15 11.58
C ARG A 182 -18.19 -0.39 10.50
N VAL A 183 -16.89 -0.22 10.69
CA VAL A 183 -16.06 0.40 9.69
C VAL A 183 -16.04 -0.43 8.38
N ARG A 184 -15.88 -1.73 8.52
CA ARG A 184 -15.80 -2.66 7.41
C ARG A 184 -17.08 -2.75 6.60
N SER A 185 -18.18 -2.56 7.28
CA SER A 185 -19.50 -2.58 6.72
C SER A 185 -19.78 -1.39 5.86
N GLY A 186 -18.94 -0.39 5.92
CA GLY A 186 -19.13 0.79 5.15
C GLY A 186 -20.14 1.73 5.80
N GLU A 187 -20.38 1.57 7.09
CA GLU A 187 -21.34 2.43 7.80
C GLU A 187 -20.77 3.80 8.07
N ASN A 188 -19.46 3.97 7.91
CA ASN A 188 -18.83 5.25 8.15
C ASN A 188 -19.19 5.85 9.54
N PRO A 189 -19.08 5.02 10.58
CA PRO A 189 -19.45 5.44 11.96
C PRO A 189 -18.60 6.63 12.41
N GLU A 190 -19.11 7.44 13.30
CA GLU A 190 -18.29 8.45 13.96
C GLU A 190 -17.88 7.71 15.22
N LEU A 191 -16.58 7.59 15.46
CA LEU A 191 -16.10 6.75 16.59
C LEU A 191 -15.24 7.61 17.49
N SER A 192 -15.53 7.65 18.78
CA SER A 192 -14.60 8.30 19.74
C SER A 192 -13.35 7.40 20.01
N THR A 193 -12.37 7.97 20.72
CA THR A 193 -11.22 7.22 21.21
C THR A 193 -11.60 5.97 21.96
N ARG A 194 -12.55 6.12 22.87
CA ARG A 194 -12.94 5.06 23.71
C ARG A 194 -13.70 4.00 22.94
N GLU A 195 -14.37 4.38 21.90
CA GLU A 195 -15.02 3.45 21.00
C GLU A 195 -14.10 2.54 20.16
N LYS A 196 -12.95 3.08 19.75
CA LYS A 196 -11.92 2.38 18.95
C LYS A 196 -11.05 1.25 19.55
N HIS A 197 -10.52 1.47 20.76
CA HIS A 197 -9.60 0.56 21.39
C HIS A 197 -9.86 0.38 22.89
N ALA A 198 -9.73 -0.83 23.37
CA ALA A 198 -9.59 -1.14 24.77
C ALA A 198 -8.10 -1.33 25.12
N ARG A 199 -7.77 -1.13 26.38
CA ARG A 199 -6.44 -1.37 26.85
C ARG A 199 -6.46 -2.36 27.98
N GLU A 200 -5.60 -3.33 27.90
CA GLU A 200 -5.58 -4.40 28.84
C GLU A 200 -4.21 -4.48 29.46
N CYS A 201 -4.16 -4.50 30.77
CA CYS A 201 -2.91 -4.40 31.48
C CYS A 201 -2.61 -5.59 32.39
N PHE A 202 -1.46 -6.18 32.22
CA PHE A 202 -1.00 -7.21 33.13
C PHE A 202 0.14 -6.65 33.97
N VAL A 203 -0.05 -6.69 35.29
CA VAL A 203 0.78 -5.94 36.22
C VAL A 203 1.29 -6.76 37.34
N VAL A 204 2.56 -6.60 37.62
CA VAL A 204 3.18 -7.23 38.73
C VAL A 204 3.44 -6.20 39.83
N LEU A 205 2.75 -6.41 40.95
CA LEU A 205 2.85 -5.54 42.09
C LEU A 205 4.17 -5.63 42.83
N GLU A 206 4.64 -4.48 43.29
CA GLU A 206 5.74 -4.49 44.31
C GLU A 206 5.19 -4.97 45.66
N GLU A 207 6.12 -5.45 46.44
CA GLU A 207 5.87 -5.79 47.87
C GLU A 207 5.21 -4.60 48.56
N GLY A 208 4.14 -4.79 49.31
CA GLY A 208 3.59 -3.70 50.07
C GLY A 208 2.77 -2.68 49.30
N ALA A 209 2.46 -2.96 48.02
CA ALA A 209 1.63 -2.06 47.22
C ALA A 209 0.16 -2.08 47.58
N ASP A 210 -0.52 -1.02 47.26
CA ASP A 210 -1.96 -0.91 47.40
C ASP A 210 -2.50 -1.06 45.93
N PRO A 211 -3.10 -2.23 45.62
CA PRO A 211 -3.63 -2.49 44.32
C PRO A 211 -4.69 -1.51 43.90
N ALA A 212 -5.57 -1.10 44.80
CA ALA A 212 -6.60 -0.10 44.46
C ALA A 212 -6.02 1.19 43.99
N LYS A 213 -4.89 1.53 44.56
CA LYS A 213 -4.25 2.78 44.24
C LYS A 213 -3.49 2.62 42.89
N VAL A 214 -2.81 1.50 42.72
CA VAL A 214 -2.18 1.18 41.42
C VAL A 214 -3.19 1.25 40.28
N GLU A 215 -4.31 0.55 40.45
CA GLU A 215 -5.32 0.47 39.42
C GLU A 215 -5.87 1.88 39.10
N HIS A 216 -6.07 2.68 40.15
CA HIS A 216 -6.55 4.05 39.98
C HIS A 216 -5.57 4.89 39.21
N GLU A 217 -4.30 4.73 39.52
CA GLU A 217 -3.32 5.50 38.85
C GLU A 217 -3.14 5.10 37.34
N ILE A 218 -3.34 3.81 37.03
CA ILE A 218 -3.40 3.38 35.64
C ILE A 218 -4.60 4.00 34.94
N LYS A 219 -5.76 3.78 35.47
CA LYS A 219 -6.97 4.11 34.78
C LYS A 219 -7.19 5.61 34.64
N THR A 220 -6.58 6.40 35.51
CA THR A 220 -6.75 7.86 35.45
C THR A 220 -5.53 8.54 34.82
N MET A 221 -4.60 7.78 34.22
CA MET A 221 -3.40 8.36 33.68
C MET A 221 -3.70 9.17 32.34
N PRO A 222 -3.35 10.43 32.34
CA PRO A 222 -3.59 11.27 31.18
C PRO A 222 -2.74 10.82 30.02
N ASN A 223 -3.36 10.78 28.86
CA ASN A 223 -2.70 10.58 27.59
C ASN A 223 -2.47 9.11 27.29
N TYR A 224 -2.43 8.29 28.32
CA TYR A 224 -2.18 6.88 28.15
C TYR A 224 -3.43 6.06 28.31
N PHE A 225 -4.19 6.29 29.36
CA PHE A 225 -5.32 5.43 29.71
C PHE A 225 -6.66 6.09 29.91
N ASP A 226 -6.67 7.36 30.30
CA ASP A 226 -7.93 7.93 30.79
C ASP A 226 -9.03 8.14 29.73
N GLU A 227 -8.72 8.00 28.42
CA GLU A 227 -9.82 8.03 27.37
C GLU A 227 -10.23 6.65 26.89
N TYR A 228 -9.63 5.64 27.52
CA TYR A 228 -9.92 4.27 27.16
C TYR A 228 -10.51 3.44 28.31
N ASP A 229 -11.39 2.49 27.97
CA ASP A 229 -11.76 1.40 28.87
C ASP A 229 -10.57 0.51 29.06
N THR A 230 -10.08 0.52 30.32
CA THR A 230 -8.84 -0.10 30.69
C THR A 230 -9.09 -1.12 31.77
N THR A 231 -8.54 -2.31 31.56
CA THR A 231 -8.66 -3.39 32.48
C THR A 231 -7.32 -3.73 33.08
N VAL A 232 -7.29 -4.05 34.36
CA VAL A 232 -5.98 -4.25 35.04
C VAL A 232 -6.01 -5.60 35.76
N HIS A 233 -5.04 -6.44 35.49
CA HIS A 233 -4.91 -7.76 36.07
C HIS A 233 -3.61 -7.81 36.83
N PHE A 234 -3.65 -8.23 38.10
CA PHE A 234 -2.44 -8.41 38.88
C PHE A 234 -1.97 -9.85 38.77
N ILE A 235 -0.72 -10.07 38.41
CA ILE A 235 -0.20 -11.42 38.20
C ILE A 235 1.20 -11.48 38.73
N SER A 236 1.76 -12.68 38.75
CA SER A 236 3.14 -12.88 39.23
C SER A 236 4.11 -12.55 38.11
N GLU A 237 5.31 -12.34 38.52
CA GLU A 237 6.41 -12.08 37.58
C GLU A 237 6.68 -13.26 36.66
N GLU A 238 6.59 -14.47 37.20
CA GLU A 238 6.71 -15.66 36.38
C GLU A 238 5.64 -15.73 35.30
N GLU A 239 4.40 -15.46 35.67
CA GLU A 239 3.36 -15.46 34.69
C GLU A 239 3.59 -14.38 33.59
N LEU A 240 4.03 -13.19 33.99
CA LEU A 240 4.30 -12.11 33.05
C LEU A 240 5.38 -12.59 32.02
N LYS A 241 6.45 -13.16 32.55
CA LYS A 241 7.50 -13.74 31.72
C LYS A 241 7.06 -14.89 30.83
N GLN A 242 6.27 -15.79 31.40
CA GLN A 242 5.83 -16.93 30.64
C GLN A 242 4.78 -16.57 29.58
N ASN A 243 3.82 -15.71 29.90
CA ASN A 243 2.72 -15.49 29.00
C ASN A 243 2.82 -14.18 28.22
N HIS A 244 3.71 -13.29 28.59
CA HIS A 244 3.67 -11.96 28.05
C HIS A 244 4.98 -11.44 27.55
N SER A 245 5.86 -12.33 27.18
CA SER A 245 7.16 -11.95 26.66
C SER A 245 7.30 -11.51 25.19
N GLY A 246 6.35 -11.80 24.34
CA GLY A 246 6.49 -11.40 22.95
C GLY A 246 6.31 -9.92 22.66
N MET A 247 6.61 -9.53 21.43
CA MET A 247 6.32 -8.19 20.99
C MET A 247 5.52 -8.38 19.71
N PRO A 248 4.34 -8.95 19.87
CA PRO A 248 3.33 -8.99 18.82
C PRO A 248 2.64 -7.65 18.65
N HIS A 249 2.14 -7.38 17.46
CA HIS A 249 1.36 -6.20 17.15
C HIS A 249 0.70 -6.33 15.78
N GLY A 250 0.00 -5.30 15.36
CA GLY A 250 -0.67 -5.26 14.09
C GLY A 250 -1.66 -4.16 14.01
N GLY A 251 -2.54 -4.26 13.04
CA GLY A 251 -3.59 -3.32 12.92
C GLY A 251 -4.21 -3.28 11.56
N PHE A 252 -4.94 -2.22 11.31
CA PHE A 252 -5.73 -2.03 10.08
C PHE A 252 -5.78 -0.53 9.79
N VAL A 253 -5.54 -0.15 8.53
CA VAL A 253 -5.97 1.10 7.99
C VAL A 253 -7.08 0.83 6.94
N ILE A 254 -8.24 1.40 7.16
CA ILE A 254 -9.43 1.20 6.26
C ILE A 254 -9.90 2.56 5.78
N ARG A 255 -10.05 2.70 4.45
CA ARG A 255 -10.75 3.82 3.83
C ARG A 255 -12.08 3.35 3.30
N SER A 256 -13.17 3.86 3.86
CA SER A 256 -14.52 3.54 3.33
C SER A 256 -15.01 4.81 2.64
N GLY A 257 -15.30 4.70 1.35
CA GLY A 257 -15.57 5.85 0.52
C GLY A 257 -16.77 5.54 -0.40
N LYS A 258 -17.09 6.50 -1.26
CA LYS A 258 -18.17 6.37 -2.23
C LYS A 258 -17.76 6.88 -3.55
N SER A 259 -18.20 6.25 -4.64
CA SER A 259 -18.03 6.88 -5.95
C SER A 259 -19.01 8.01 -5.98
N ASP A 260 -18.84 8.87 -6.95
CA ASP A 260 -19.76 9.97 -7.10
C ASP A 260 -21.18 9.49 -7.42
N GLU A 261 -21.37 8.23 -7.76
CA GLU A 261 -22.70 7.72 -8.02
C GLU A 261 -23.14 6.88 -6.86
N GLY A 262 -22.41 6.88 -5.74
CA GLY A 262 -22.98 6.24 -4.52
C GLY A 262 -22.49 4.81 -4.38
N HIS A 263 -21.57 4.32 -5.20
CA HIS A 263 -21.05 2.99 -4.94
C HIS A 263 -20.14 2.92 -3.70
N LYS A 264 -20.37 1.98 -2.81
CA LYS A 264 -19.49 1.83 -1.67
C LYS A 264 -18.21 1.11 -2.07
N GLN A 265 -17.10 1.78 -1.86
CA GLN A 265 -15.79 1.24 -2.05
C GLN A 265 -14.97 1.17 -0.75
N ILE A 266 -14.37 0.03 -0.42
CA ILE A 266 -13.58 -0.11 0.80
C ILE A 266 -12.21 -0.63 0.51
N ILE A 267 -11.17 0.10 0.97
CA ILE A 267 -9.81 -0.34 0.96
C ILE A 267 -9.39 -0.69 2.37
N GLU A 268 -8.69 -1.78 2.52
CA GLU A 268 -8.19 -2.17 3.81
C GLU A 268 -6.79 -2.69 3.69
N PHE A 269 -5.92 -2.23 4.57
CA PHE A 269 -4.53 -2.72 4.67
C PHE A 269 -4.34 -3.20 6.10
N SER A 270 -3.85 -4.40 6.31
CA SER A 270 -3.79 -4.92 7.67
C SER A 270 -2.45 -5.62 7.88
N LEU A 271 -2.03 -5.66 9.13
CA LEU A 271 -0.81 -6.37 9.55
C LEU A 271 -1.14 -7.27 10.70
N ASN A 272 -0.52 -8.41 10.70
CA ASN A 272 -0.59 -9.35 11.78
C ASN A 272 0.83 -9.84 12.04
N LEU A 273 1.47 -9.28 13.09
CA LEU A 273 2.88 -9.45 13.34
C LEU A 273 3.18 -10.22 14.61
N GLU A 274 3.87 -11.32 14.49
CA GLU A 274 4.40 -12.02 15.62
C GLU A 274 5.49 -11.21 16.31
N SER A 275 6.28 -10.45 15.57
CA SER A 275 7.20 -9.48 16.13
C SER A 275 7.15 -8.15 15.42
N ASN A 276 6.64 -7.16 16.13
CA ASN A 276 6.58 -5.81 15.64
C ASN A 276 7.95 -5.25 15.34
N PRO A 277 8.92 -5.42 16.35
CA PRO A 277 10.26 -4.86 16.00
C PRO A 277 10.98 -5.50 14.82
N MET A 278 10.85 -6.80 14.66
CA MET A 278 11.43 -7.51 13.55
C MET A 278 10.86 -6.98 12.22
N PHE A 279 9.59 -6.68 12.21
CA PHE A 279 8.89 -6.22 11.02
C PHE A 279 9.32 -4.82 10.68
N THR A 280 9.30 -3.96 11.70
CA THR A 280 9.74 -2.59 11.57
C THR A 280 11.17 -2.60 10.95
N SER A 281 12.08 -3.39 11.51
CA SER A 281 13.46 -3.39 11.03
C SER A 281 13.56 -3.95 9.61
N SER A 282 12.71 -4.92 9.27
CA SER A 282 12.72 -5.40 7.87
C SER A 282 12.39 -4.27 6.91
N ALA A 283 11.44 -3.43 7.28
CA ALA A 283 11.08 -2.24 6.51
C ALA A 283 12.24 -1.25 6.46
N LEU A 284 12.93 -1.06 7.58
CA LEU A 284 14.05 -0.11 7.64
C LEU A 284 15.08 -0.48 6.63
N VAL A 285 15.35 -1.78 6.47
CA VAL A 285 16.40 -2.30 5.60
C VAL A 285 15.94 -2.12 4.11
N ALA A 286 14.68 -2.40 3.80
CA ALA A 286 14.18 -2.12 2.42
C ALA A 286 14.38 -0.67 2.15
N TYR A 287 13.99 0.23 3.06
CA TYR A 287 14.18 1.63 2.82
C TYR A 287 15.65 2.06 2.72
N ALA A 288 16.54 1.33 3.39
CA ALA A 288 17.99 1.61 3.26
C ALA A 288 18.43 1.47 1.80
N ARG A 289 17.92 0.45 1.12
CA ARG A 289 18.20 0.19 -0.28
C ARG A 289 17.81 1.38 -1.13
N ALA A 290 16.65 1.97 -0.80
CA ALA A 290 16.15 3.17 -1.48
C ALA A 290 17.02 4.38 -1.19
N ALA A 291 17.46 4.53 0.05
CA ALA A 291 18.27 5.70 0.39
C ALA A 291 19.61 5.70 -0.36
N TYR A 292 20.17 4.53 -0.46
CA TYR A 292 21.37 4.32 -1.19
C TYR A 292 21.16 4.63 -2.69
N ARG A 293 20.15 4.04 -3.35
CA ARG A 293 19.85 4.43 -4.76
C ARG A 293 19.72 5.92 -4.92
N LEU A 294 18.95 6.56 -4.06
CA LEU A 294 18.80 7.98 -4.11
C LEU A 294 20.15 8.75 -4.02
N SER A 295 21.00 8.31 -3.09
CA SER A 295 22.30 8.94 -2.87
C SER A 295 23.23 8.76 -4.08
N GLN A 296 23.31 7.54 -4.60
CA GLN A 296 23.96 7.25 -5.83
C GLN A 296 23.49 8.20 -6.97
N ASN A 297 22.24 8.63 -7.00
CA ASN A 297 21.80 9.53 -8.08
C ASN A 297 21.99 10.96 -7.72
N GLY A 298 22.64 11.27 -6.62
CA GLY A 298 22.85 12.63 -6.25
C GLY A 298 21.78 13.37 -5.49
N ASP A 299 20.76 12.66 -5.02
CA ASP A 299 19.69 13.27 -4.24
C ASP A 299 20.19 13.56 -2.84
N LYS A 300 19.54 14.45 -2.12
CA LYS A 300 19.94 14.73 -0.77
C LYS A 300 18.83 15.29 0.02
N GLY A 301 18.98 15.34 1.33
CA GLY A 301 17.97 16.00 2.14
C GLY A 301 17.20 14.90 2.85
N ALA A 302 16.29 15.33 3.69
CA ALA A 302 15.37 14.48 4.42
C ALA A 302 14.17 14.08 3.53
N LYS A 303 13.80 12.78 3.60
CA LYS A 303 12.60 12.25 2.97
C LYS A 303 11.68 11.56 3.98
N THR A 304 10.44 11.31 3.55
CA THR A 304 9.55 10.37 4.27
C THR A 304 9.15 9.27 3.32
N VAL A 305 8.37 8.31 3.83
CA VAL A 305 7.87 7.24 2.94
C VAL A 305 7.05 7.84 1.75
N PHE A 306 6.43 9.00 1.98
CA PHE A 306 5.67 9.73 0.97
C PHE A 306 6.52 10.19 -0.22
N ASP A 307 7.86 10.15 -0.14
CA ASP A 307 8.76 10.63 -1.20
C ASP A 307 9.38 9.52 -1.92
N ILE A 308 9.17 8.27 -1.48
CA ILE A 308 9.97 7.17 -1.99
C ILE A 308 9.10 6.24 -2.90
N PRO A 309 9.43 6.14 -4.22
CA PRO A 309 8.64 5.19 -5.04
C PRO A 309 9.03 3.77 -4.76
N PHE A 310 8.04 2.86 -4.82
CA PHE A 310 8.22 1.52 -4.29
C PHE A 310 9.28 0.77 -5.03
N GLY A 311 9.52 1.14 -6.29
CA GLY A 311 10.51 0.41 -7.08
C GLY A 311 11.97 0.51 -6.45
N LEU A 312 12.28 1.59 -5.80
CA LEU A 312 13.61 1.77 -5.19
C LEU A 312 13.86 0.78 -4.04
N LEU A 313 12.78 0.22 -3.47
CA LEU A 313 12.86 -0.67 -2.35
C LEU A 313 13.33 -2.00 -2.79
N SER A 314 13.31 -2.28 -4.10
CA SER A 314 13.56 -3.61 -4.55
C SER A 314 14.97 -3.84 -5.09
N PRO A 315 15.58 -5.01 -4.80
CA PRO A 315 16.89 -5.28 -5.42
C PRO A 315 16.74 -5.64 -6.90
N LYS A 316 15.52 -5.91 -7.36
CA LYS A 316 15.27 -6.17 -8.78
C LYS A 316 15.35 -4.89 -9.64
N SER A 317 15.76 -5.00 -10.91
CA SER A 317 15.70 -3.84 -11.81
C SER A 317 14.24 -3.43 -12.10
N PRO A 318 14.07 -2.17 -12.46
CA PRO A 318 12.78 -1.62 -12.88
C PRO A 318 12.12 -2.46 -13.97
N GLU A 319 12.92 -3.04 -14.87
CA GLU A 319 12.42 -3.87 -15.96
C GLU A 319 11.89 -5.17 -15.46
N ASP A 320 12.60 -5.81 -14.55
CA ASP A 320 12.10 -7.07 -14.02
C ASP A 320 10.84 -6.91 -13.15
N LEU A 321 10.75 -5.78 -12.47
CA LEU A 321 9.54 -5.45 -11.69
C LEU A 321 8.30 -5.32 -12.60
N ARG A 322 8.44 -4.53 -13.67
CA ARG A 322 7.39 -4.40 -14.71
C ARG A 322 6.95 -5.73 -15.24
N LYS A 323 7.94 -6.53 -15.56
CA LYS A 323 7.67 -7.83 -16.07
C LYS A 323 6.98 -8.81 -15.10
N GLU A 324 7.46 -8.85 -13.86
CA GLU A 324 7.08 -9.91 -12.93
C GLU A 324 5.88 -9.51 -11.96
N LEU A 325 5.81 -8.28 -11.53
CA LEU A 325 4.84 -7.92 -10.48
C LEU A 325 3.73 -7.00 -10.95
N LEU A 326 3.89 -6.32 -12.08
CA LEU A 326 2.92 -5.29 -12.43
C LEU A 326 1.56 -5.92 -12.65
N THR A 327 1.52 -6.98 -13.41
CA THR A 327 0.31 -7.77 -13.45
C THR A 327 0.54 -9.25 -13.17
N ARG A 328 -0.59 -9.96 -12.93
CA ARG A 328 -0.77 -11.44 -12.94
C ARG A 328 -0.02 -12.02 -11.78
N SER B 2 -5.28 27.80 -10.50
CA SER B 2 -5.73 27.23 -11.78
C SER B 2 -5.79 25.68 -11.71
N LYS B 3 -6.83 25.13 -12.30
CA LYS B 3 -7.12 23.69 -12.18
C LYS B 3 -6.36 22.92 -13.18
N ILE B 4 -6.04 21.66 -12.84
CA ILE B 4 -5.41 20.74 -13.76
C ILE B 4 -6.53 20.32 -14.80
N ARG B 5 -6.17 20.39 -16.07
CA ARG B 5 -7.14 20.29 -17.17
C ARG B 5 -7.06 18.87 -17.71
N ILE B 6 -8.15 18.15 -17.51
CA ILE B 6 -8.17 16.74 -17.91
C ILE B 6 -9.00 16.55 -19.18
N GLY B 7 -8.52 15.71 -20.08
CA GLY B 7 -9.36 15.17 -21.12
C GLY B 7 -9.50 13.66 -20.98
N ILE B 8 -10.66 13.15 -21.35
CA ILE B 8 -10.92 11.72 -21.45
C ILE B 8 -10.83 11.23 -22.86
N VAL B 9 -10.03 10.21 -23.08
CA VAL B 9 -10.06 9.51 -24.34
C VAL B 9 -10.79 8.18 -24.17
N GLY B 10 -11.99 8.09 -24.72
CA GLY B 10 -12.79 6.89 -24.78
C GLY B 10 -13.90 6.88 -23.77
N TYR B 11 -15.11 6.56 -24.19
CA TYR B 11 -16.25 6.73 -23.31
C TYR B 11 -17.03 5.47 -23.05
N GLY B 12 -16.37 4.55 -22.36
CA GLY B 12 -16.97 3.37 -21.84
C GLY B 12 -17.11 3.48 -20.33
N ASN B 13 -17.02 2.34 -19.66
CA ASN B 13 -17.12 2.27 -18.22
C ASN B 13 -16.08 3.16 -17.48
N LEU B 14 -14.81 3.01 -17.85
CA LEU B 14 -13.74 3.83 -17.29
C LEU B 14 -13.94 5.29 -17.60
N GLY B 15 -14.39 5.58 -18.85
CA GLY B 15 -14.67 6.98 -19.24
C GLY B 15 -15.70 7.63 -18.36
N ARG B 16 -16.80 6.93 -18.09
CA ARG B 16 -17.84 7.41 -17.19
C ARG B 16 -17.29 7.53 -15.75
N GLY B 17 -16.43 6.59 -15.39
CA GLY B 17 -15.79 6.56 -14.10
C GLY B 17 -14.97 7.81 -13.84
N VAL B 18 -14.16 8.23 -14.81
CA VAL B 18 -13.27 9.41 -14.71
C VAL B 18 -14.07 10.67 -14.58
N GLU B 19 -15.12 10.72 -15.37
CA GLU B 19 -16.06 11.79 -15.29
C GLU B 19 -16.63 11.97 -13.89
N ALA B 20 -17.08 10.88 -13.31
CA ALA B 20 -17.54 10.89 -11.93
C ALA B 20 -16.39 11.28 -10.95
N ALA B 21 -15.21 10.72 -11.14
CA ALA B 21 -14.08 10.98 -10.22
C ALA B 21 -13.67 12.47 -10.27
N ILE B 22 -13.72 13.06 -11.46
CA ILE B 22 -13.56 14.50 -11.55
C ILE B 22 -14.43 15.33 -10.62
N GLN B 23 -15.68 14.94 -10.42
CA GLN B 23 -16.52 15.63 -9.48
C GLN B 23 -16.01 15.54 -8.04
N GLN B 24 -15.09 14.64 -7.72
CA GLN B 24 -14.63 14.48 -6.35
C GLN B 24 -13.25 15.03 -6.21
N ASN B 25 -12.75 15.66 -7.25
CA ASN B 25 -11.43 16.23 -7.31
C ASN B 25 -11.44 17.71 -7.75
N PRO B 26 -11.72 18.61 -6.79
CA PRO B 26 -11.94 20.01 -7.18
C PRO B 26 -10.75 20.77 -7.74
N ASP B 27 -9.57 20.21 -7.74
CA ASP B 27 -8.43 20.83 -8.37
C ASP B 27 -8.32 20.44 -9.82
N MET B 28 -9.30 19.71 -10.32
CA MET B 28 -9.28 19.32 -11.71
C MET B 28 -10.54 19.72 -12.44
N GLU B 29 -10.41 19.97 -13.71
CA GLU B 29 -11.54 20.13 -14.58
C GLU B 29 -11.45 19.34 -15.87
N LEU B 30 -12.61 18.83 -16.24
CA LEU B 30 -12.79 18.08 -17.46
C LEU B 30 -13.06 19.04 -18.60
N VAL B 31 -12.14 19.08 -19.50
CA VAL B 31 -12.19 19.91 -20.68
C VAL B 31 -13.06 19.30 -21.81
N ALA B 32 -12.88 18.01 -22.04
CA ALA B 32 -13.52 17.37 -23.21
C ALA B 32 -13.41 15.85 -23.11
N VAL B 33 -14.40 15.16 -23.67
CA VAL B 33 -14.34 13.72 -23.95
C VAL B 33 -14.06 13.51 -25.42
N PHE B 34 -13.13 12.63 -25.75
CA PHE B 34 -12.70 12.33 -27.10
C PHE B 34 -13.05 10.90 -27.45
N THR B 35 -13.83 10.71 -28.53
CA THR B 35 -14.31 9.41 -28.85
C THR B 35 -14.03 9.10 -30.31
N ARG B 36 -13.97 7.82 -30.60
CA ARG B 36 -13.87 7.40 -31.96
C ARG B 36 -15.22 7.31 -32.68
N ARG B 37 -16.29 7.17 -31.94
CA ARG B 37 -17.63 7.29 -32.50
C ARG B 37 -17.93 8.73 -32.92
N ASP B 38 -19.00 8.94 -33.65
CA ASP B 38 -19.35 10.30 -33.99
C ASP B 38 -19.86 10.89 -32.67
N PRO B 39 -19.31 12.05 -32.27
CA PRO B 39 -19.62 12.78 -31.04
C PRO B 39 -21.08 13.00 -30.87
N LYS B 40 -21.81 13.21 -31.98
CA LYS B 40 -23.29 13.34 -31.89
C LYS B 40 -24.01 12.14 -31.32
N THR B 41 -23.42 10.95 -31.37
CA THR B 41 -24.07 9.75 -30.88
C THR B 41 -23.58 9.37 -29.47
N VAL B 42 -22.68 10.15 -28.90
CA VAL B 42 -22.14 9.79 -27.52
C VAL B 42 -22.64 10.77 -26.51
N ALA B 43 -23.66 10.37 -25.75
CA ALA B 43 -24.25 11.21 -24.72
C ALA B 43 -23.42 11.04 -23.44
N VAL B 44 -22.83 12.13 -22.95
CA VAL B 44 -22.04 12.10 -21.77
C VAL B 44 -22.80 12.70 -20.60
N LYS B 45 -22.58 12.17 -19.41
CA LYS B 45 -23.32 12.62 -18.27
C LYS B 45 -23.06 14.09 -17.90
N SER B 46 -21.84 14.59 -18.10
CA SER B 46 -21.44 15.89 -17.56
C SER B 46 -21.75 16.99 -18.56
N ASN B 47 -22.12 16.62 -19.75
CA ASN B 47 -22.32 17.67 -20.75
C ASN B 47 -21.12 18.63 -20.84
N VAL B 48 -19.89 18.09 -20.79
CA VAL B 48 -18.77 18.82 -21.32
C VAL B 48 -18.83 18.50 -22.79
N LYS B 49 -17.93 19.09 -23.54
CA LYS B 49 -17.97 18.92 -24.94
C LYS B 49 -17.45 17.57 -25.26
N VAL B 50 -18.07 16.98 -26.27
CA VAL B 50 -17.67 15.71 -26.83
C VAL B 50 -17.14 15.97 -28.18
N LEU B 51 -15.97 15.44 -28.48
CA LEU B 51 -15.24 15.65 -29.71
C LEU B 51 -14.73 14.38 -30.25
N HIS B 52 -14.33 14.35 -31.53
CA HIS B 52 -13.84 13.12 -32.14
C HIS B 52 -12.34 13.14 -31.87
N VAL B 53 -11.72 11.96 -31.78
CA VAL B 53 -10.28 11.83 -31.49
C VAL B 53 -9.40 12.63 -32.48
N ASP B 54 -9.90 12.85 -33.71
CA ASP B 54 -9.12 13.66 -34.67
C ASP B 54 -9.00 15.10 -34.26
N ASP B 55 -9.90 15.63 -33.46
CA ASP B 55 -9.65 16.96 -32.97
C ASP B 55 -8.67 17.06 -31.78
N ALA B 56 -8.19 15.94 -31.21
CA ALA B 56 -7.42 16.01 -29.87
C ALA B 56 -6.13 16.79 -30.05
N GLN B 57 -5.44 16.47 -31.13
CA GLN B 57 -4.17 17.11 -31.44
C GLN B 57 -4.26 18.60 -31.39
N SER B 58 -5.39 19.10 -31.83
CA SER B 58 -5.58 20.50 -31.84
C SER B 58 -5.81 21.04 -30.44
N TYR B 59 -6.03 20.18 -29.45
CA TYR B 59 -6.27 20.61 -28.08
C TYR B 59 -5.01 20.55 -27.21
N LYS B 60 -3.87 20.43 -27.84
CA LYS B 60 -2.62 20.19 -27.18
C LYS B 60 -2.28 21.22 -26.09
N ASP B 61 -2.59 22.49 -26.28
CA ASP B 61 -2.38 23.49 -25.24
C ASP B 61 -3.55 23.74 -24.30
N GLU B 62 -4.65 23.03 -24.50
CA GLU B 62 -5.86 23.16 -23.67
C GLU B 62 -5.93 22.08 -22.54
N ILE B 63 -5.12 21.04 -22.65
CA ILE B 63 -5.17 19.88 -21.76
C ILE B 63 -3.83 19.54 -21.08
N ASP B 64 -3.80 19.54 -19.77
CA ASP B 64 -2.65 19.05 -19.01
C ASP B 64 -2.44 17.55 -19.03
N VAL B 65 -3.49 16.77 -18.80
CA VAL B 65 -3.43 15.32 -18.81
C VAL B 65 -4.61 14.67 -19.53
N MET B 66 -4.30 13.70 -20.36
CA MET B 66 -5.26 12.90 -21.08
C MET B 66 -5.36 11.51 -20.40
N ILE B 67 -6.50 11.18 -19.81
CA ILE B 67 -6.73 9.83 -19.26
C ILE B 67 -7.31 8.96 -20.34
N LEU B 68 -6.52 7.96 -20.74
CA LEU B 68 -6.89 6.98 -21.74
C LEU B 68 -7.69 5.82 -21.18
N CYS B 69 -8.98 5.80 -21.52
CA CYS B 69 -9.93 4.90 -20.94
C CYS B 69 -10.32 3.76 -21.83
N GLY B 70 -9.48 3.46 -22.82
CA GLY B 70 -9.80 2.46 -23.80
C GLY B 70 -9.39 1.08 -23.37
N GLY B 71 -9.89 0.11 -24.11
CA GLY B 71 -9.64 -1.32 -23.78
C GLY B 71 -8.19 -1.67 -24.02
N SER B 72 -7.68 -2.64 -23.27
CA SER B 72 -6.25 -2.97 -23.38
C SER B 72 -5.89 -3.82 -24.59
N ALA B 73 -6.80 -4.67 -25.03
CA ALA B 73 -6.52 -5.65 -26.11
C ALA B 73 -6.13 -4.99 -27.46
N THR B 74 -6.87 -3.98 -27.89
CA THR B 74 -6.51 -3.28 -29.15
C THR B 74 -6.63 -1.79 -29.07
N ASP B 75 -7.38 -1.23 -28.11
CA ASP B 75 -7.49 0.19 -28.14
C ASP B 75 -6.18 0.85 -27.70
N LEU B 76 -5.70 0.49 -26.50
CA LEU B 76 -4.55 1.18 -25.95
C LEU B 76 -3.23 0.98 -26.77
N PRO B 77 -2.98 -0.21 -27.25
CA PRO B 77 -1.77 -0.39 -28.07
C PRO B 77 -1.66 0.65 -29.14
N GLU B 78 -2.80 1.13 -29.65
CA GLU B 78 -2.79 2.26 -30.58
C GLU B 78 -2.82 3.58 -29.90
N GLN B 79 -3.72 3.75 -28.94
CA GLN B 79 -3.97 5.06 -28.47
C GLN B 79 -2.91 5.52 -27.48
N GLY B 80 -2.24 4.58 -26.80
CA GLY B 80 -1.24 5.04 -25.80
C GLY B 80 -0.06 5.74 -26.46
N PRO B 81 0.64 5.05 -27.36
CA PRO B 81 1.72 5.70 -28.11
C PRO B 81 1.29 6.94 -28.91
N TYR B 82 0.05 6.92 -29.42
CA TYR B 82 -0.42 8.07 -30.15
C TYR B 82 -0.58 9.24 -29.27
N PHE B 83 -1.38 9.12 -28.20
CA PHE B 83 -1.63 10.34 -27.40
C PHE B 83 -0.41 10.85 -26.64
N ALA B 84 0.54 9.97 -26.44
CA ALA B 84 1.77 10.32 -25.68
C ALA B 84 2.71 11.16 -26.53
N GLN B 85 2.39 11.27 -27.82
CA GLN B 85 3.09 12.20 -28.69
C GLN B 85 2.72 13.61 -28.41
N TYR B 86 1.56 13.85 -27.80
CA TYR B 86 1.04 15.20 -27.60
C TYR B 86 0.61 15.61 -26.22
N PHE B 87 0.41 14.61 -25.35
CA PHE B 87 -0.07 14.88 -24.01
C PHE B 87 0.65 14.03 -22.98
N ASN B 88 0.68 14.55 -21.78
CA ASN B 88 0.81 13.67 -20.58
C ASN B 88 -0.45 12.73 -20.51
N THR B 89 -0.17 11.45 -20.28
CA THR B 89 -1.20 10.45 -20.26
C THR B 89 -1.19 9.51 -19.04
N ILE B 90 -2.38 9.00 -18.72
CA ILE B 90 -2.60 7.90 -17.79
C ILE B 90 -3.39 6.83 -18.54
N ASP B 91 -3.03 5.59 -18.36
CA ASP B 91 -3.91 4.54 -18.78
C ASP B 91 -3.98 3.39 -17.79
N SER B 92 -4.84 2.40 -18.11
CA SER B 92 -5.06 1.24 -17.23
C SER B 92 -4.60 -0.10 -17.83
N PHE B 93 -3.70 -0.04 -18.78
CA PHE B 93 -3.31 -1.20 -19.59
C PHE B 93 -3.02 -2.42 -18.80
N ASP B 94 -3.63 -3.55 -19.14
CA ASP B 94 -3.53 -4.68 -18.20
C ASP B 94 -3.11 -5.99 -18.80
N THR B 95 -2.56 -5.96 -20.00
CA THR B 95 -2.25 -7.28 -20.67
C THR B 95 -0.84 -7.80 -20.27
N HIS B 96 -0.78 -8.83 -19.42
CA HIS B 96 0.47 -9.27 -18.75
C HIS B 96 1.61 -9.43 -19.76
N ALA B 97 1.35 -10.23 -20.78
CA ALA B 97 2.39 -10.58 -21.74
C ALA B 97 2.86 -9.38 -22.57
N ARG B 98 2.06 -8.36 -22.73
CA ARG B 98 2.48 -7.27 -23.54
C ARG B 98 2.98 -6.04 -22.79
N ILE B 99 3.13 -6.14 -21.47
CA ILE B 99 3.53 -4.95 -20.73
C ILE B 99 4.91 -4.41 -21.12
N PRO B 100 5.93 -5.27 -21.30
CA PRO B 100 7.23 -4.68 -21.69
C PRO B 100 7.16 -3.98 -23.07
N ASP B 101 6.49 -4.63 -24.02
CA ASP B 101 6.19 -4.00 -25.35
C ASP B 101 5.38 -2.72 -25.28
N TYR B 102 4.26 -2.72 -24.54
CA TYR B 102 3.52 -1.47 -24.39
C TYR B 102 4.39 -0.40 -23.76
N PHE B 103 5.07 -0.76 -22.65
CA PHE B 103 5.92 0.25 -21.95
C PHE B 103 6.93 0.90 -22.95
N ASP B 104 7.57 0.02 -23.70
CA ASP B 104 8.64 0.47 -24.69
C ASP B 104 8.08 1.47 -25.71
N ALA B 105 6.94 1.07 -26.28
CA ALA B 105 6.25 1.88 -27.29
C ALA B 105 5.78 3.17 -26.70
N VAL B 106 5.15 3.17 -25.49
CA VAL B 106 4.73 4.44 -24.88
C VAL B 106 5.94 5.31 -24.48
N ASN B 107 6.95 4.64 -23.97
CA ASN B 107 8.13 5.39 -23.48
C ASN B 107 8.86 6.11 -24.65
N ALA B 108 9.07 5.39 -25.75
CA ALA B 108 9.58 6.05 -27.03
C ALA B 108 8.86 7.34 -27.32
N ALA B 109 7.53 7.25 -27.41
CA ALA B 109 6.74 8.41 -27.70
C ALA B 109 6.86 9.55 -26.69
N ALA B 110 6.76 9.19 -25.41
CA ALA B 110 6.76 10.21 -24.37
C ALA B 110 8.12 10.86 -24.28
N GLU B 111 9.16 10.02 -24.38
CA GLU B 111 10.57 10.50 -24.25
C GLU B 111 10.76 11.60 -25.32
N GLN B 112 10.49 11.17 -26.55
CA GLN B 112 10.41 12.02 -27.73
C GLN B 112 9.61 13.31 -27.56
N SER B 113 8.42 13.31 -26.99
CA SER B 113 7.64 14.55 -26.88
C SER B 113 7.89 15.40 -25.68
N GLY B 114 8.67 14.85 -24.75
CA GLY B 114 8.78 15.50 -23.45
C GLY B 114 7.56 15.36 -22.53
N LYS B 115 6.80 14.29 -22.65
CA LYS B 115 5.55 14.19 -21.83
C LYS B 115 5.74 13.01 -20.86
N VAL B 116 4.96 12.99 -19.78
CA VAL B 116 4.94 11.85 -18.85
C VAL B 116 3.73 10.90 -19.15
N ALA B 117 3.98 9.62 -19.42
CA ALA B 117 2.92 8.65 -19.57
C ALA B 117 3.01 7.70 -18.34
N ILE B 118 1.96 7.65 -17.52
CA ILE B 118 1.88 6.57 -16.49
C ILE B 118 0.97 5.50 -17.04
N ILE B 119 1.53 4.35 -17.30
CA ILE B 119 0.79 3.21 -17.75
C ILE B 119 0.30 2.31 -16.60
N SER B 120 -0.73 1.50 -16.88
CA SER B 120 -1.12 0.39 -16.06
C SER B 120 -1.50 0.80 -14.63
N VAL B 121 -2.28 1.85 -14.52
CA VAL B 121 -2.82 2.32 -13.30
C VAL B 121 -4.22 1.76 -13.11
N GLY B 122 -4.61 1.51 -11.86
CA GLY B 122 -5.91 0.95 -11.51
C GLY B 122 -5.68 0.13 -10.25
N TRP B 123 -6.48 -0.92 -10.06
CA TRP B 123 -6.28 -1.79 -8.94
C TRP B 123 -5.52 -3.05 -9.23
N ASP B 124 -5.67 -3.64 -10.40
CA ASP B 124 -4.70 -4.67 -10.80
C ASP B 124 -4.64 -4.79 -12.32
N PRO B 125 -3.61 -4.29 -12.93
CA PRO B 125 -2.45 -3.69 -12.33
C PRO B 125 -2.72 -2.33 -11.65
N GLY B 126 -1.82 -1.98 -10.72
CA GLY B 126 -1.84 -0.74 -10.05
C GLY B 126 -1.69 -0.96 -8.53
N LEU B 127 -2.74 -0.76 -7.76
CA LEU B 127 -2.64 -0.91 -6.28
C LEU B 127 -2.19 -2.31 -5.86
N PHE B 128 -2.76 -3.35 -6.45
CA PHE B 128 -2.35 -4.75 -6.15
C PHE B 128 -0.89 -4.99 -6.49
N SER B 129 -0.44 -4.41 -7.58
CA SER B 129 0.96 -4.48 -7.96
C SER B 129 1.89 -3.85 -6.87
N LEU B 130 1.53 -2.66 -6.42
CA LEU B 130 2.29 -1.96 -5.34
C LEU B 130 2.42 -2.84 -4.10
N ASN B 131 1.33 -3.51 -3.76
CA ASN B 131 1.28 -4.40 -2.61
C ASN B 131 1.98 -5.75 -2.76
N ARG B 132 2.02 -6.27 -3.98
CA ARG B 132 2.91 -7.40 -4.30
C ARG B 132 4.40 -7.05 -4.07
N LEU B 133 4.79 -5.88 -4.56
CA LEU B 133 6.11 -5.41 -4.44
C LEU B 133 6.45 -5.14 -2.94
N LEU B 134 5.58 -4.42 -2.27
CA LEU B 134 5.85 -4.04 -0.86
C LEU B 134 6.08 -5.31 -0.03
N GLY B 135 5.16 -6.25 -0.24
CA GLY B 135 5.21 -7.57 0.35
C GLY B 135 6.58 -8.19 0.35
N GLU B 136 7.12 -8.28 -0.84
CA GLU B 136 8.36 -9.02 -0.99
C GLU B 136 9.61 -8.19 -0.64
N VAL B 137 9.56 -6.89 -0.60
CA VAL B 137 10.71 -6.13 -0.12
C VAL B 137 10.77 -6.02 1.44
N VAL B 138 9.62 -5.85 2.08
CA VAL B 138 9.47 -5.95 3.52
C VAL B 138 9.63 -7.34 4.11
N LEU B 139 9.08 -8.35 3.46
CA LEU B 139 9.23 -9.70 3.89
C LEU B 139 9.89 -10.59 2.80
N PRO B 140 11.28 -10.45 2.71
CA PRO B 140 11.90 -11.21 1.62
C PRO B 140 11.74 -12.71 1.72
N VAL B 141 11.54 -13.27 2.88
CA VAL B 141 11.39 -14.70 3.05
C VAL B 141 9.91 -14.96 3.30
N GLY B 142 9.22 -15.49 2.30
CA GLY B 142 7.78 -15.66 2.41
C GLY B 142 7.14 -15.89 1.05
N ASN B 143 5.84 -15.76 0.99
CA ASN B 143 5.01 -16.12 -0.20
C ASN B 143 3.97 -15.03 -0.40
N THR B 144 3.77 -14.63 -1.68
CA THR B 144 2.72 -13.70 -2.08
C THR B 144 1.58 -14.41 -2.73
N TYR B 145 0.35 -14.04 -2.40
CA TYR B 145 -0.80 -14.59 -3.06
C TYR B 145 -1.72 -13.49 -3.47
N THR B 146 -2.22 -13.52 -4.70
CA THR B 146 -3.25 -12.54 -5.12
C THR B 146 -4.49 -13.26 -5.40
N PHE B 147 -5.59 -12.81 -4.81
CA PHE B 147 -6.94 -13.34 -5.08
C PHE B 147 -7.78 -12.20 -5.67
N TRP B 148 -8.63 -12.53 -6.65
CA TRP B 148 -9.57 -11.60 -7.23
C TRP B 148 -11.00 -12.04 -6.96
N GLY B 149 -11.84 -11.06 -6.64
CA GLY B 149 -13.30 -11.24 -6.50
C GLY B 149 -13.67 -11.17 -5.05
N LYS B 150 -14.91 -11.44 -4.73
CA LYS B 150 -15.91 -11.88 -5.69
C LYS B 150 -16.29 -10.76 -6.60
N GLY B 151 -16.32 -11.01 -7.91
CA GLY B 151 -16.73 -9.94 -8.80
C GLY B 151 -16.92 -10.34 -10.24
N VAL B 152 -17.42 -9.40 -11.04
CA VAL B 152 -17.68 -9.65 -12.45
C VAL B 152 -16.48 -9.44 -13.27
N SER B 153 -16.13 -10.42 -14.06
CA SER B 153 -15.07 -10.26 -14.99
C SER B 153 -15.61 -10.03 -16.40
N GLN B 154 -15.39 -8.86 -16.93
CA GLN B 154 -15.86 -8.55 -18.26
C GLN B 154 -15.21 -9.46 -19.33
N GLY B 155 -13.94 -9.76 -19.18
CA GLY B 155 -13.26 -10.62 -20.11
C GLY B 155 -13.82 -12.02 -20.16
N HIS B 156 -14.15 -12.59 -19.02
CA HIS B 156 -14.69 -13.96 -18.98
C HIS B 156 -16.18 -13.94 -19.42
N SER B 157 -16.91 -12.88 -19.04
CA SER B 157 -18.28 -12.71 -19.49
C SER B 157 -18.36 -12.64 -21.02
N ASP B 158 -17.50 -11.82 -21.64
CA ASP B 158 -17.42 -11.70 -23.09
C ASP B 158 -17.00 -13.01 -23.77
N ALA B 159 -16.10 -13.76 -23.17
CA ALA B 159 -15.69 -15.02 -23.67
C ALA B 159 -16.85 -16.01 -23.79
N ILE B 160 -17.73 -16.00 -22.82
CA ILE B 160 -18.93 -16.82 -22.86
C ILE B 160 -19.87 -16.26 -23.89
N ARG B 161 -20.12 -14.93 -23.92
CA ARG B 161 -21.02 -14.37 -24.92
C ARG B 161 -20.64 -14.73 -26.37
N ARG B 162 -19.34 -14.81 -26.66
CA ARG B 162 -18.86 -15.18 -28.01
C ARG B 162 -19.29 -16.59 -28.44
N ILE B 163 -19.68 -17.42 -27.50
CA ILE B 163 -20.13 -18.74 -27.81
C ILE B 163 -21.45 -18.70 -28.61
N GLN B 164 -21.53 -19.49 -29.66
CA GLN B 164 -22.75 -19.56 -30.45
C GLN B 164 -23.71 -20.34 -29.63
N GLY B 165 -24.90 -19.82 -29.54
CA GLY B 165 -25.87 -20.35 -28.64
C GLY B 165 -25.96 -19.61 -27.32
N VAL B 166 -25.04 -18.69 -27.08
CA VAL B 166 -25.15 -17.78 -25.92
C VAL B 166 -25.57 -16.44 -26.35
N LYS B 167 -26.68 -15.97 -25.80
CA LYS B 167 -27.13 -14.68 -26.16
C LYS B 167 -26.50 -13.61 -25.24
N ASN B 168 -26.29 -13.89 -23.96
CA ASN B 168 -25.63 -12.90 -23.06
C ASN B 168 -25.26 -13.69 -21.80
N ALA B 169 -24.34 -13.13 -21.04
CA ALA B 169 -23.81 -13.82 -19.89
C ALA B 169 -23.05 -12.82 -18.97
N VAL B 170 -22.94 -13.26 -17.70
CA VAL B 170 -22.12 -12.61 -16.69
C VAL B 170 -21.45 -13.68 -15.89
N GLN B 171 -20.13 -13.58 -15.78
CA GLN B 171 -19.33 -14.51 -15.03
C GLN B 171 -18.75 -13.81 -13.80
N TYR B 172 -18.74 -14.53 -12.68
CA TYR B 172 -18.15 -14.11 -11.41
C TYR B 172 -16.91 -14.92 -11.13
N THR B 173 -15.84 -14.21 -10.75
CA THR B 173 -14.61 -14.81 -10.26
C THR B 173 -14.72 -14.81 -8.74
N ILE B 174 -14.49 -15.96 -8.12
CA ILE B 174 -14.79 -16.21 -6.72
C ILE B 174 -13.62 -16.87 -6.01
N PRO B 175 -12.94 -16.12 -5.15
CA PRO B 175 -11.83 -16.71 -4.36
C PRO B 175 -12.34 -17.84 -3.55
N ILE B 176 -11.60 -18.93 -3.51
CA ILE B 176 -12.08 -20.05 -2.74
C ILE B 176 -11.69 -19.83 -1.22
N ASP B 177 -12.70 -19.76 -0.38
CA ASP B 177 -12.56 -19.39 1.04
C ASP B 177 -11.51 -20.22 1.75
N GLU B 178 -11.49 -21.52 1.54
CA GLU B 178 -10.58 -22.34 2.26
C GLU B 178 -9.15 -21.98 1.86
N ALA B 179 -8.91 -21.66 0.59
CA ALA B 179 -7.58 -21.30 0.16
C ALA B 179 -7.16 -20.00 0.81
N VAL B 180 -8.09 -19.04 0.83
CA VAL B 180 -7.81 -17.74 1.41
C VAL B 180 -7.46 -17.89 2.94
N ASN B 181 -8.19 -18.76 3.63
CA ASN B 181 -8.04 -19.02 5.08
C ASN B 181 -6.72 -19.65 5.41
N ARG B 182 -6.30 -20.57 4.56
CA ARG B 182 -5.00 -21.16 4.66
C ARG B 182 -3.88 -20.14 4.47
N VAL B 183 -4.00 -19.29 3.46
CA VAL B 183 -3.06 -18.21 3.26
C VAL B 183 -2.99 -17.28 4.53
N ARG B 184 -4.12 -16.82 5.00
CA ARG B 184 -4.19 -15.91 6.16
C ARG B 184 -3.67 -16.47 7.46
N SER B 185 -3.67 -17.80 7.55
CA SER B 185 -3.19 -18.52 8.73
C SER B 185 -1.71 -18.61 8.74
N GLY B 186 -1.07 -18.27 7.64
CA GLY B 186 0.37 -18.36 7.57
C GLY B 186 0.89 -19.77 7.27
N GLU B 187 0.04 -20.63 6.72
CA GLU B 187 0.45 -21.99 6.34
C GLU B 187 1.32 -21.97 5.13
N ASN B 188 1.39 -20.87 4.40
CA ASN B 188 2.14 -20.83 3.17
C ASN B 188 1.83 -22.02 2.21
N PRO B 189 0.55 -22.29 2.01
CA PRO B 189 0.09 -23.43 1.13
C PRO B 189 0.66 -23.30 -0.27
N GLU B 190 0.90 -24.41 -0.95
CA GLU B 190 1.23 -24.36 -2.37
C GLU B 190 -0.12 -24.54 -3.00
N LEU B 191 -0.57 -23.58 -3.79
CA LEU B 191 -1.98 -23.67 -4.30
C LEU B 191 -1.96 -23.67 -5.80
N SER B 192 -2.67 -24.60 -6.44
CA SER B 192 -2.79 -24.55 -7.91
C SER B 192 -3.84 -23.48 -8.34
N THR B 193 -3.91 -23.22 -9.65
CA THR B 193 -4.98 -22.36 -10.20
C THR B 193 -6.34 -22.72 -9.75
N ARG B 194 -6.62 -24.01 -9.80
CA ARG B 194 -7.89 -24.52 -9.54
C ARG B 194 -8.21 -24.44 -8.07
N GLU B 195 -7.20 -24.48 -7.21
CA GLU B 195 -7.47 -24.32 -5.80
C GLU B 195 -7.71 -22.85 -5.29
N LYS B 196 -7.42 -21.84 -6.09
CA LYS B 196 -7.59 -20.46 -5.63
C LYS B 196 -8.91 -19.79 -5.96
N HIS B 197 -9.46 -20.06 -7.15
CA HIS B 197 -10.70 -19.38 -7.62
C HIS B 197 -11.64 -20.37 -8.32
N ALA B 198 -12.92 -20.22 -8.03
CA ALA B 198 -13.98 -20.82 -8.77
C ALA B 198 -14.57 -19.80 -9.73
N ARG B 199 -15.22 -20.29 -10.80
CA ARG B 199 -15.85 -19.45 -11.77
C ARG B 199 -17.29 -19.80 -11.88
N GLU B 200 -18.12 -18.78 -11.74
CA GLU B 200 -19.54 -18.98 -11.82
C GLU B 200 -20.19 -18.20 -12.93
N CYS B 201 -20.98 -18.89 -13.76
CA CYS B 201 -21.43 -18.26 -14.99
C CYS B 201 -22.96 -18.23 -15.09
N PHE B 202 -23.55 -17.09 -15.32
CA PHE B 202 -24.94 -16.99 -15.56
C PHE B 202 -25.14 -16.67 -17.01
N VAL B 203 -25.93 -17.51 -17.70
CA VAL B 203 -25.96 -17.53 -19.16
C VAL B 203 -27.34 -17.55 -19.66
N VAL B 204 -27.59 -16.71 -20.64
CA VAL B 204 -28.84 -16.65 -21.31
C VAL B 204 -28.72 -17.32 -22.67
N LEU B 205 -29.43 -18.43 -22.84
CA LEU B 205 -29.37 -19.19 -24.06
C LEU B 205 -30.04 -18.50 -25.26
N GLU B 206 -29.45 -18.67 -26.44
CA GLU B 206 -30.20 -18.32 -27.67
C GLU B 206 -31.31 -19.35 -27.90
N GLU B 207 -32.27 -18.92 -28.69
CA GLU B 207 -33.33 -19.85 -29.18
C GLU B 207 -32.67 -21.05 -29.90
N GLY B 208 -33.11 -22.26 -29.62
CA GLY B 208 -32.61 -23.40 -30.35
C GLY B 208 -31.25 -23.90 -29.95
N ALA B 209 -30.66 -23.37 -28.87
CA ALA B 209 -29.36 -23.82 -28.41
C ALA B 209 -29.41 -25.18 -27.74
N ASP B 210 -28.28 -25.84 -27.75
CA ASP B 210 -28.08 -27.07 -27.02
C ASP B 210 -27.27 -26.68 -25.73
N PRO B 211 -27.92 -26.73 -24.57
CA PRO B 211 -27.33 -26.33 -23.31
C PRO B 211 -26.12 -27.20 -22.96
N ALA B 212 -26.19 -28.49 -23.21
CA ALA B 212 -25.04 -29.38 -22.95
C ALA B 212 -23.81 -29.02 -23.74
N LYS B 213 -24.03 -28.54 -24.94
CA LYS B 213 -22.95 -28.11 -25.79
C LYS B 213 -22.39 -26.73 -25.34
N VAL B 214 -23.26 -25.81 -24.99
CA VAL B 214 -22.86 -24.50 -24.42
C VAL B 214 -22.05 -24.73 -23.15
N GLU B 215 -22.57 -25.54 -22.25
CA GLU B 215 -21.89 -25.81 -21.00
C GLU B 215 -20.49 -26.41 -21.24
N HIS B 216 -20.42 -27.33 -22.19
CA HIS B 216 -19.14 -27.95 -22.53
C HIS B 216 -18.16 -26.94 -23.13
N GLU B 217 -18.61 -26.06 -23.99
CA GLU B 217 -17.75 -25.09 -24.56
C GLU B 217 -17.22 -24.09 -23.50
N ILE B 218 -18.07 -23.79 -22.50
CA ILE B 218 -17.61 -22.94 -21.41
C ILE B 218 -16.52 -23.67 -20.65
N LYS B 219 -16.83 -24.82 -20.14
CA LYS B 219 -15.96 -25.50 -19.25
C LYS B 219 -14.65 -25.97 -19.83
N THR B 220 -14.60 -26.16 -21.13
CA THR B 220 -13.39 -26.66 -21.76
C THR B 220 -12.67 -25.54 -22.46
N MET B 221 -13.09 -24.26 -22.25
CA MET B 221 -12.46 -23.16 -22.93
C MET B 221 -11.00 -22.90 -22.37
N PRO B 222 -10.04 -22.93 -23.26
CA PRO B 222 -8.66 -22.69 -22.88
C PRO B 222 -8.46 -21.25 -22.45
N ASN B 223 -7.72 -21.09 -21.38
CA ASN B 223 -7.22 -19.80 -20.91
C ASN B 223 -8.27 -19.11 -20.07
N TYR B 224 -9.52 -19.50 -20.20
CA TYR B 224 -10.57 -18.83 -19.49
C TYR B 224 -11.13 -19.70 -18.39
N PHE B 225 -11.47 -20.93 -18.72
CA PHE B 225 -12.23 -21.81 -17.81
C PHE B 225 -11.64 -23.15 -17.50
N ASP B 226 -10.86 -23.70 -18.43
CA ASP B 226 -10.47 -25.12 -18.28
C ASP B 226 -9.52 -25.45 -17.12
N GLU B 227 -8.93 -24.44 -16.45
CA GLU B 227 -8.14 -24.77 -15.20
C GLU B 227 -8.91 -24.49 -13.94
N TYR B 228 -10.17 -24.09 -14.12
CA TYR B 228 -11.04 -23.75 -12.98
C TYR B 228 -12.28 -24.63 -12.86
N ASP B 229 -12.66 -24.95 -11.63
CA ASP B 229 -14.00 -25.45 -11.35
C ASP B 229 -15.03 -24.37 -11.70
N THR B 230 -15.82 -24.64 -12.74
CA THR B 230 -16.69 -23.67 -13.35
C THR B 230 -18.11 -24.19 -13.30
N THR B 231 -19.04 -23.35 -12.87
CA THR B 231 -20.40 -23.71 -12.77
C THR B 231 -21.22 -22.88 -13.71
N VAL B 232 -22.20 -23.49 -14.36
CA VAL B 232 -22.96 -22.76 -15.41
C VAL B 232 -24.45 -22.81 -15.06
N HIS B 233 -25.11 -21.66 -15.05
CA HIS B 233 -26.55 -21.57 -14.76
C HIS B 233 -27.21 -20.90 -15.94
N PHE B 234 -28.27 -21.53 -16.45
CA PHE B 234 -29.04 -20.94 -17.52
C PHE B 234 -30.20 -20.16 -16.92
N ILE B 235 -30.36 -18.91 -17.33
CA ILE B 235 -31.39 -18.02 -16.78
C ILE B 235 -31.92 -17.16 -17.88
N SER B 236 -32.98 -16.40 -17.58
CA SER B 236 -33.62 -15.52 -18.52
C SER B 236 -32.84 -14.21 -18.61
N GLU B 237 -33.06 -13.54 -19.70
CA GLU B 237 -32.48 -12.22 -19.93
C GLU B 237 -32.93 -11.19 -18.88
N GLU B 238 -34.21 -11.26 -18.48
CA GLU B 238 -34.70 -10.43 -17.38
C GLU B 238 -34.00 -10.67 -16.06
N GLU B 239 -33.81 -11.92 -15.71
CA GLU B 239 -33.07 -12.24 -14.54
C GLU B 239 -31.61 -11.72 -14.59
N LEU B 240 -30.95 -11.87 -15.74
CA LEU B 240 -29.57 -11.45 -15.90
C LEU B 240 -29.52 -9.91 -15.64
N LYS B 241 -30.43 -9.18 -16.28
CA LYS B 241 -30.57 -7.74 -16.08
C LYS B 241 -30.88 -7.32 -14.64
N GLN B 242 -31.81 -8.03 -14.04
CA GLN B 242 -32.24 -7.68 -12.70
C GLN B 242 -31.17 -8.02 -11.64
N ASN B 243 -30.53 -9.17 -11.75
CA ASN B 243 -29.70 -9.64 -10.67
C ASN B 243 -28.23 -9.47 -10.99
N HIS B 244 -27.84 -9.13 -12.19
CA HIS B 244 -26.41 -9.33 -12.55
C HIS B 244 -25.94 -8.17 -13.35
N SER B 245 -26.53 -7.01 -13.12
CA SER B 245 -26.11 -5.80 -13.80
C SER B 245 -24.92 -4.96 -13.23
N GLY B 246 -24.51 -5.20 -12.00
CA GLY B 246 -23.39 -4.44 -11.43
C GLY B 246 -22.01 -4.78 -11.99
N MET B 247 -21.03 -3.98 -11.62
CA MET B 247 -19.68 -4.36 -11.93
C MET B 247 -19.01 -4.29 -10.59
N PRO B 248 -19.42 -5.17 -9.67
CA PRO B 248 -18.61 -5.27 -8.45
C PRO B 248 -17.31 -6.06 -8.63
N HIS B 249 -16.33 -5.87 -7.76
CA HIS B 249 -15.12 -6.70 -7.76
C HIS B 249 -14.30 -6.41 -6.47
N GLY B 250 -13.14 -7.01 -6.35
CA GLY B 250 -12.30 -6.82 -5.21
C GLY B 250 -11.28 -7.87 -5.22
N GLY B 251 -10.69 -8.05 -4.06
CA GLY B 251 -9.64 -9.01 -3.95
C GLY B 251 -8.74 -8.76 -2.75
N PHE B 252 -7.68 -9.53 -2.73
CA PHE B 252 -6.70 -9.55 -1.63
C PHE B 252 -5.33 -9.77 -2.26
N VAL B 253 -4.33 -9.00 -1.83
CA VAL B 253 -2.94 -9.38 -1.95
C VAL B 253 -2.39 -9.66 -0.55
N ILE B 254 -1.86 -10.85 -0.32
CA ILE B 254 -1.36 -11.24 1.03
C ILE B 254 0.08 -11.72 0.89
N ARG B 255 0.98 -11.16 1.71
CA ARG B 255 2.34 -11.69 1.88
C ARG B 255 2.44 -12.32 3.22
N SER B 256 2.68 -13.61 3.24
CA SER B 256 2.96 -14.33 4.52
C SER B 256 4.45 -14.68 4.53
N GLY B 257 5.14 -14.17 5.54
CA GLY B 257 6.57 -14.26 5.62
C GLY B 257 7.02 -14.62 7.04
N LYS B 258 8.33 -14.64 7.23
CA LYS B 258 8.91 -14.95 8.53
C LYS B 258 10.08 -14.04 8.76
N SER B 259 10.27 -13.59 10.02
CA SER B 259 11.52 -12.93 10.37
C SER B 259 12.60 -13.98 10.34
N ASP B 260 13.83 -13.53 10.36
CA ASP B 260 14.91 -14.47 10.39
C ASP B 260 14.92 -15.32 11.68
N GLU B 261 14.14 -14.95 12.70
CA GLU B 261 14.07 -15.76 13.91
C GLU B 261 12.78 -16.53 13.90
N GLY B 262 12.04 -16.55 12.80
CA GLY B 262 10.89 -17.51 12.73
C GLY B 262 9.58 -16.83 13.13
N HIS B 263 9.55 -15.53 13.38
CA HIS B 263 8.20 -14.92 13.67
C HIS B 263 7.35 -14.84 12.39
N LYS B 264 6.09 -15.23 12.48
CA LYS B 264 5.18 -15.14 11.36
C LYS B 264 4.68 -13.74 11.24
N GLN B 265 4.85 -13.17 10.08
CA GLN B 265 4.42 -11.84 9.79
C GLN B 265 3.48 -11.87 8.58
N ILE B 266 2.30 -11.23 8.67
CA ILE B 266 1.34 -11.23 7.52
C ILE B 266 0.90 -9.84 7.17
N ILE B 267 1.06 -9.45 5.89
CA ILE B 267 0.53 -8.27 5.32
C ILE B 267 -0.62 -8.62 4.40
N GLU B 268 -1.70 -7.88 4.51
CA GLU B 268 -2.83 -8.08 3.66
C GLU B 268 -3.35 -6.74 3.19
N PHE B 269 -3.61 -6.62 1.89
CA PHE B 269 -4.25 -5.45 1.27
C PHE B 269 -5.50 -5.96 0.58
N SER B 270 -6.65 -5.40 0.86
CA SER B 270 -7.86 -5.93 0.23
C SER B 270 -8.72 -4.82 -0.27
N LEU B 271 -9.57 -5.15 -1.24
CA LEU B 271 -10.56 -4.23 -1.82
C LEU B 271 -11.90 -4.87 -1.85
N ASN B 272 -12.91 -4.08 -1.59
CA ASN B 272 -14.27 -4.47 -1.71
C ASN B 272 -14.99 -3.34 -2.42
N LEU B 273 -15.24 -3.56 -3.70
CA LEU B 273 -15.77 -2.56 -4.58
C LEU B 273 -17.16 -2.84 -5.11
N GLU B 274 -18.09 -1.93 -4.85
CA GLU B 274 -19.36 -1.93 -5.50
C GLU B 274 -19.25 -1.62 -6.97
N SER B 275 -18.34 -0.75 -7.36
CA SER B 275 -18.02 -0.60 -8.76
C SER B 275 -16.53 -0.62 -9.06
N ASN B 276 -16.08 -1.65 -9.76
CA ASN B 276 -14.73 -1.78 -10.21
C ASN B 276 -14.32 -0.66 -11.13
N PRO B 277 -15.17 -0.35 -12.22
CA PRO B 277 -14.69 0.78 -13.06
C PRO B 277 -14.60 2.16 -12.36
N MET B 278 -15.51 2.45 -11.47
CA MET B 278 -15.51 3.71 -10.73
C MET B 278 -14.23 3.84 -9.88
N PHE B 279 -13.80 2.73 -9.32
CA PHE B 279 -12.62 2.70 -8.47
C PHE B 279 -11.40 2.86 -9.28
N THR B 280 -11.32 2.11 -10.36
CA THR B 280 -10.20 2.19 -11.24
C THR B 280 -10.04 3.67 -11.69
N SER B 281 -11.13 4.30 -12.13
CA SER B 281 -11.03 5.66 -12.63
C SER B 281 -10.66 6.65 -11.57
N SER B 282 -11.13 6.41 -10.35
CA SER B 282 -10.73 7.28 -9.22
C SER B 282 -9.21 7.25 -9.06
N ALA B 283 -8.62 6.07 -9.20
CA ALA B 283 -7.17 5.89 -9.19
C ALA B 283 -6.51 6.57 -10.36
N LEU B 284 -7.09 6.48 -11.54
CA LEU B 284 -6.51 7.12 -12.73
C LEU B 284 -6.36 8.61 -12.51
N VAL B 285 -7.35 9.24 -11.89
CA VAL B 285 -7.42 10.65 -11.70
C VAL B 285 -6.34 11.06 -10.66
N ALA B 286 -6.20 10.28 -9.59
CA ALA B 286 -5.11 10.58 -8.62
C ALA B 286 -3.83 10.50 -9.34
N TYR B 287 -3.61 9.49 -10.18
CA TYR B 287 -2.35 9.39 -10.88
C TYR B 287 -2.10 10.53 -11.91
N ALA B 288 -3.19 11.04 -12.48
CA ALA B 288 -3.10 12.21 -13.39
C ALA B 288 -2.49 13.41 -12.64
N ARG B 289 -2.82 13.60 -11.36
CA ARG B 289 -2.25 14.66 -10.53
C ARG B 289 -0.73 14.50 -10.45
N ALA B 290 -0.28 13.26 -10.23
CA ALA B 290 1.13 12.90 -10.23
C ALA B 290 1.79 13.17 -11.58
N ALA B 291 1.17 12.73 -12.65
CA ALA B 291 1.79 12.93 -13.97
C ALA B 291 1.96 14.43 -14.26
N TYR B 292 0.99 15.22 -13.89
CA TYR B 292 1.09 16.63 -14.04
C TYR B 292 2.29 17.18 -13.21
N ARG B 293 2.38 16.85 -11.92
CA ARG B 293 3.52 17.33 -11.08
C ARG B 293 4.80 16.93 -11.71
N LEU B 294 4.92 15.70 -12.12
CA LEU B 294 6.10 15.23 -12.78
C LEU B 294 6.47 16.03 -14.06
N SER B 295 5.45 16.34 -14.88
CA SER B 295 5.64 17.15 -16.08
C SER B 295 6.06 18.59 -15.77
N GLN B 296 5.42 19.25 -14.83
CA GLN B 296 5.81 20.53 -14.37
C GLN B 296 7.29 20.55 -13.93
N ASN B 297 7.83 19.45 -13.41
CA ASN B 297 9.24 19.43 -13.00
C ASN B 297 10.18 19.00 -14.07
N GLY B 298 9.73 18.95 -15.31
CA GLY B 298 10.57 18.53 -16.40
C GLY B 298 10.82 17.07 -16.62
N ASP B 299 10.11 16.19 -15.96
CA ASP B 299 10.27 14.74 -16.15
C ASP B 299 9.63 14.34 -17.46
N LYS B 300 10.01 13.21 -18.00
CA LYS B 300 9.41 12.73 -19.22
C LYS B 300 9.57 11.25 -19.30
N GLY B 301 8.83 10.61 -20.19
CA GLY B 301 9.02 9.19 -20.45
C GLY B 301 7.81 8.47 -19.80
N ALA B 302 7.78 7.18 -20.04
CA ALA B 302 6.84 6.26 -19.45
C ALA B 302 7.21 5.87 -17.98
N LYS B 303 6.18 5.86 -17.12
CA LYS B 303 6.27 5.38 -15.76
C LYS B 303 5.25 4.28 -15.47
N THR B 304 5.47 3.58 -14.36
CA THR B 304 4.45 2.71 -13.78
C THR B 304 4.20 3.17 -12.37
N VAL B 305 3.26 2.49 -11.68
CA VAL B 305 2.98 2.85 -10.28
C VAL B 305 4.30 2.72 -9.44
N PHE B 306 5.17 1.80 -9.84
CA PHE B 306 6.45 1.55 -9.17
C PHE B 306 7.42 2.74 -9.17
N ASP B 307 7.10 3.79 -9.93
CA ASP B 307 7.97 4.95 -10.12
C ASP B 307 7.41 6.10 -9.47
N ILE B 308 6.18 6.00 -8.95
CA ILE B 308 5.49 7.19 -8.48
C ILE B 308 5.39 7.26 -6.92
N PRO B 309 6.03 8.27 -6.27
CA PRO B 309 5.89 8.35 -4.80
C PRO B 309 4.51 8.85 -4.43
N PHE B 310 3.95 8.33 -3.32
CA PHE B 310 2.55 8.54 -3.02
C PHE B 310 2.24 9.99 -2.80
N GLY B 311 3.23 10.77 -2.34
CA GLY B 311 3.02 12.18 -2.08
C GLY B 311 2.51 12.98 -3.35
N LEU B 312 2.97 12.61 -4.52
CA LEU B 312 2.54 13.28 -5.76
C LEU B 312 1.03 13.09 -6.04
N LEU B 313 0.40 12.11 -5.40
CA LEU B 313 -0.99 11.76 -5.68
C LEU B 313 -1.89 12.68 -4.98
N SER B 314 -1.35 13.47 -4.04
CA SER B 314 -2.23 14.25 -3.17
C SER B 314 -2.29 15.71 -3.57
N PRO B 315 -3.46 16.36 -3.45
CA PRO B 315 -3.47 17.81 -3.67
C PRO B 315 -2.85 18.58 -2.51
N LYS B 316 -2.64 17.94 -1.38
CA LYS B 316 -1.96 18.57 -0.22
C LYS B 316 -0.44 18.79 -0.47
N SER B 317 0.16 19.82 0.15
CA SER B 317 1.65 19.96 0.10
C SER B 317 2.35 18.83 0.87
N PRO B 318 3.61 18.57 0.52
CA PRO B 318 4.40 17.54 1.20
C PRO B 318 4.48 17.85 2.69
N GLU B 319 4.43 19.12 3.03
CA GLU B 319 4.46 19.52 4.42
C GLU B 319 3.18 19.23 5.20
N ASP B 320 2.05 19.45 4.57
CA ASP B 320 0.80 19.11 5.24
C ASP B 320 0.64 17.59 5.37
N LEU B 321 1.20 16.87 4.42
CA LEU B 321 1.12 15.40 4.47
C LEU B 321 1.92 14.86 5.68
N ARG B 322 3.17 15.32 5.81
CA ARG B 322 4.01 15.01 7.00
C ARG B 322 3.31 15.29 8.29
N LYS B 323 2.67 16.42 8.33
CA LYS B 323 1.97 16.83 9.49
C LYS B 323 0.74 15.99 9.86
N GLU B 324 -0.07 15.67 8.85
CA GLU B 324 -1.39 15.16 9.07
C GLU B 324 -1.47 13.59 8.97
N LEU B 325 -0.68 12.98 8.13
CA LEU B 325 -0.89 11.58 7.82
C LEU B 325 0.27 10.71 8.24
N LEU B 326 1.46 11.27 8.35
CA LEU B 326 2.61 10.48 8.65
C LEU B 326 2.40 9.70 9.91
N THR B 327 1.91 10.36 10.92
CA THR B 327 1.72 9.71 12.18
C THR B 327 0.36 9.89 12.77
N ARG B 328 0.06 9.01 13.71
CA ARG B 328 -1.11 9.07 14.55
C ARG B 328 -2.34 9.15 13.73
#